data_6SYF
#
_entry.id   6SYF
#
_cell.length_a   94.700
_cell.length_b   38.700
_cell.length_c   97.800
_cell.angle_alpha   90.000
_cell.angle_beta   118.900
_cell.angle_gamma   90.000
#
_symmetry.space_group_name_H-M   'P 1 21 1'
#
loop_
_entity.id
_entity.type
_entity.pdbx_description
1 polymer 'SUMO-conjugating enzyme UBC9'
2 polymer ACE-LEU-ARG-LEU-ARG-GLY-CYS
3 polymer ACE-ILE-LYS-GLN-GLU
4 water water
#
loop_
_entity_poly.entity_id
_entity_poly.type
_entity_poly.pdbx_seq_one_letter_code
_entity_poly.pdbx_strand_id
1 'polypeptide(L)'
;GSGIALSRLAQERKAWRKDHPFGFVAVPTKNPDGTMNLMNWECAIPGAAGTPWAGGLFKLRMLFKDDYPSSPPKCKFEPP
LFHPNVYPSGTVCLSILEEDKDWRPAITIKQILLGIQELLNEPNIQDPAQAEAYTIYAQNRVEYEKRVRAQAKKFAPS
;
A,B,C,D
2 'polypeptide(L)' (ACE)LRLRGC E,G,I,K
3 'polypeptide(L)' (ACE)IKQE F,H,J,L
#
loop_
_chem_comp.id
_chem_comp.type
_chem_comp.name
_chem_comp.formula
ACE non-polymer 'ACETYL GROUP' 'C2 H4 O'
#
# COMPACT_ATOMS: atom_id res chain seq x y z
N ALA A 5 9.39 26.63 19.62
CA ALA A 5 8.21 26.12 18.91
C ALA A 5 7.11 27.16 18.96
N LEU A 6 6.89 27.80 20.12
CA LEU A 6 5.87 28.81 20.27
C LEU A 6 6.09 30.01 19.33
N SER A 7 7.32 30.54 19.18
CA SER A 7 7.54 31.67 18.29
C SER A 7 7.26 31.28 16.84
N ARG A 8 7.70 30.11 16.42
CA ARG A 8 7.50 29.64 15.06
C ARG A 8 6.02 29.36 14.82
N LEU A 9 5.35 28.73 15.79
CA LEU A 9 3.94 28.40 15.66
C LEU A 9 3.05 29.64 15.67
N ALA A 10 3.44 30.69 16.43
CA ALA A 10 2.70 31.94 16.46
C ALA A 10 2.90 32.68 15.15
N GLN A 11 4.11 32.62 14.57
CA GLN A 11 4.45 33.22 13.28
C GLN A 11 3.58 32.55 12.18
N GLU A 12 3.47 31.22 12.20
CA GLU A 12 2.67 30.51 11.24
C GLU A 12 1.16 30.73 11.45
N ARG A 13 0.70 30.89 12.70
CA ARG A 13 -0.71 31.20 12.96
C ARG A 13 -1.02 32.58 12.40
N LYS A 14 -0.14 33.56 12.64
CA LYS A 14 -0.30 34.93 12.15
C LYS A 14 -0.35 34.94 10.62
N ALA A 15 0.55 34.20 9.99
CA ALA A 15 0.64 34.07 8.54
C ALA A 15 -0.62 33.41 7.98
N TRP A 16 -1.12 32.36 8.66
CA TRP A 16 -2.32 31.64 8.27
C TRP A 16 -3.52 32.59 8.27
N ARG A 17 -3.70 33.36 9.35
CA ARG A 17 -4.80 34.31 9.45
C ARG A 17 -4.76 35.35 8.33
N LYS A 18 -3.58 35.91 8.00
CA LYS A 18 -3.51 36.91 6.92
C LYS A 18 -3.75 36.29 5.53
N ASP A 19 -3.35 35.03 5.32
CA ASP A 19 -3.55 34.37 4.03
C ASP A 19 -3.35 32.87 4.12
N HIS A 20 -4.29 32.11 3.60
CA HIS A 20 -4.22 30.66 3.57
C HIS A 20 -4.97 30.10 2.36
N PRO A 21 -4.72 28.84 1.95
CA PRO A 21 -5.45 28.31 0.78
C PRO A 21 -6.96 28.27 1.06
N PHE A 22 -7.77 28.59 0.04
CA PHE A 22 -9.23 28.61 0.13
C PHE A 22 -9.76 27.25 0.56
N GLY A 23 -10.74 27.21 1.46
CA GLY A 23 -11.35 25.95 1.89
C GLY A 23 -10.63 25.22 3.00
N PHE A 24 -9.37 25.62 3.29
CA PHE A 24 -8.57 25.03 4.35
C PHE A 24 -8.80 25.75 5.67
N VAL A 25 -8.70 24.99 6.76
CA VAL A 25 -8.89 25.52 8.10
C VAL A 25 -7.69 25.06 8.97
N ALA A 26 -7.15 25.94 9.80
CA ALA A 26 -6.03 25.62 10.71
C ALA A 26 -6.14 26.55 11.92
N VAL A 27 -6.58 26.00 13.05
CA VAL A 27 -6.82 26.80 14.25
C VAL A 27 -6.24 26.15 15.49
N PRO A 28 -5.38 26.88 16.23
CA PRO A 28 -4.93 26.36 17.53
C PRO A 28 -6.09 26.08 18.49
N THR A 29 -5.97 25.08 19.37
CA THR A 29 -7.00 24.79 20.38
C THR A 29 -6.72 25.69 21.66
N LYS A 30 -7.32 25.40 22.86
CA LYS A 30 -7.04 26.15 24.10
C LYS A 30 -6.42 25.24 25.14
N ASN A 31 -5.47 25.77 25.89
CA ASN A 31 -4.82 25.10 27.00
C ASN A 31 -5.74 25.13 28.24
N PRO A 32 -5.51 24.27 29.26
CA PRO A 32 -6.35 24.31 30.45
C PRO A 32 -6.42 25.66 31.16
N ASP A 33 -5.43 26.54 30.95
CA ASP A 33 -5.39 27.86 31.55
C ASP A 33 -6.04 28.98 30.71
N GLY A 34 -6.61 28.62 29.56
CA GLY A 34 -7.27 29.58 28.69
C GLY A 34 -6.43 30.13 27.55
N THR A 35 -5.11 30.02 27.66
CA THR A 35 -4.22 30.50 26.60
C THR A 35 -4.40 29.65 25.34
N MET A 36 -3.95 30.17 24.18
CA MET A 36 -3.99 29.38 22.96
C MET A 36 -2.95 28.29 22.98
N ASN A 37 -3.40 27.08 22.67
CA ASN A 37 -2.57 25.91 22.57
C ASN A 37 -2.03 25.84 21.18
N LEU A 38 -0.89 26.47 20.99
CA LEU A 38 -0.18 26.46 19.71
C LEU A 38 0.38 25.07 19.33
N MET A 39 0.42 24.13 20.29
N MET A 39 0.44 24.13 20.29
CA MET A 39 0.95 22.79 20.04
CA MET A 39 0.95 22.79 20.01
C MET A 39 -0.12 21.80 19.56
C MET A 39 -0.13 21.79 19.56
N ASN A 40 -1.37 22.24 19.36
CA ASN A 40 -2.46 21.36 18.98
C ASN A 40 -3.46 22.14 18.14
N TRP A 41 -3.47 21.90 16.82
CA TRP A 41 -4.35 22.64 15.93
C TRP A 41 -5.42 21.76 15.30
N GLU A 42 -6.66 22.27 15.25
CA GLU A 42 -7.76 21.61 14.58
C GLU A 42 -7.79 22.18 13.17
N CYS A 43 -7.51 21.30 12.19
CA CYS A 43 -7.38 21.63 10.78
C CYS A 43 -8.46 20.94 9.95
N ALA A 44 -8.61 21.38 8.70
CA ALA A 44 -9.53 20.77 7.77
C ALA A 44 -8.98 20.94 6.37
N ILE A 45 -9.00 19.86 5.59
CA ILE A 45 -8.53 19.84 4.21
C ILE A 45 -9.69 19.55 3.29
N PRO A 46 -9.98 20.41 2.32
CA PRO A 46 -11.04 20.10 1.37
C PRO A 46 -10.52 19.07 0.37
N GLY A 47 -11.43 18.23 -0.14
CA GLY A 47 -11.07 17.31 -1.21
C GLY A 47 -10.73 18.10 -2.46
N ALA A 48 -9.67 17.69 -3.20
CA ALA A 48 -9.25 18.43 -4.39
C ALA A 48 -10.28 18.41 -5.48
N ALA A 49 -10.47 19.53 -6.18
CA ALA A 49 -11.42 19.57 -7.30
C ALA A 49 -10.93 18.66 -8.42
N GLY A 50 -11.85 18.02 -9.09
CA GLY A 50 -11.55 17.10 -10.16
C GLY A 50 -11.09 15.74 -9.68
N THR A 51 -11.34 15.41 -8.41
CA THR A 51 -10.96 14.11 -7.87
C THR A 51 -12.16 13.51 -7.14
N PRO A 52 -12.20 12.18 -6.92
CA PRO A 52 -13.30 11.59 -6.15
C PRO A 52 -13.43 12.12 -4.72
N TRP A 53 -12.41 12.85 -4.21
CA TRP A 53 -12.44 13.41 -2.87
C TRP A 53 -13.21 14.73 -2.77
N ALA A 54 -13.51 15.37 -3.92
CA ALA A 54 -14.19 16.67 -3.96
C ALA A 54 -15.53 16.71 -3.23
N GLY A 55 -15.77 17.81 -2.52
CA GLY A 55 -16.99 17.98 -1.74
C GLY A 55 -16.82 17.70 -0.26
N GLY A 56 -15.81 16.91 0.10
CA GLY A 56 -15.57 16.57 1.48
C GLY A 56 -14.66 17.56 2.16
N LEU A 57 -14.82 17.73 3.47
CA LEU A 57 -13.93 18.59 4.23
C LEU A 57 -13.40 17.69 5.32
N PHE A 58 -12.17 17.23 5.12
CA PHE A 58 -11.54 16.24 5.95
C PHE A 58 -10.82 16.83 7.14
N LYS A 59 -11.39 16.65 8.30
CA LYS A 59 -10.85 17.20 9.53
C LYS A 59 -9.66 16.43 10.06
N LEU A 60 -8.65 17.15 10.50
CA LEU A 60 -7.46 16.51 11.07
C LEU A 60 -6.78 17.38 12.13
N ARG A 61 -6.09 16.74 13.04
CA ARG A 61 -5.43 17.44 14.12
C ARG A 61 -3.92 17.43 13.89
N MET A 62 -3.26 18.57 14.11
CA MET A 62 -1.80 18.64 13.98
C MET A 62 -1.27 18.82 15.42
N LEU A 63 -0.45 17.88 15.88
CA LEU A 63 0.15 17.88 17.22
C LEU A 63 1.63 18.19 17.09
N PHE A 64 2.08 19.27 17.74
CA PHE A 64 3.46 19.70 17.66
C PHE A 64 4.21 19.43 18.96
N LYS A 65 5.42 18.91 18.88
CA LYS A 65 6.24 18.66 20.07
C LYS A 65 7.00 19.94 20.43
N ASP A 66 7.54 19.99 21.65
CA ASP A 66 8.31 21.13 22.17
C ASP A 66 9.45 21.59 21.27
N ASP A 67 10.03 20.65 20.51
CA ASP A 67 11.15 20.98 19.65
C ASP A 67 10.77 21.23 18.19
N TYR A 68 9.49 21.49 17.87
CA TYR A 68 9.08 21.86 16.51
C TYR A 68 9.74 23.23 16.19
N PRO A 69 10.29 23.46 15.00
CA PRO A 69 10.27 22.62 13.81
C PRO A 69 11.40 21.60 13.61
N SER A 70 12.17 21.26 14.63
CA SER A 70 13.19 20.19 14.49
C SER A 70 12.48 18.83 14.29
N SER A 71 11.26 18.66 14.81
CA SER A 71 10.48 17.45 14.69
C SER A 71 9.26 17.75 13.85
N PRO A 72 8.71 16.76 13.12
CA PRO A 72 7.49 17.03 12.35
C PRO A 72 6.28 17.02 13.28
N PRO A 73 5.19 17.68 12.88
CA PRO A 73 3.96 17.49 13.66
C PRO A 73 3.42 16.08 13.39
N LYS A 74 2.59 15.58 14.33
CA LYS A 74 1.87 14.34 14.11
C LYS A 74 0.54 14.76 13.55
N CYS A 75 0.17 14.25 12.38
CA CYS A 75 -1.08 14.61 11.73
C CYS A 75 -2.03 13.46 11.79
N LYS A 76 -3.24 13.69 12.30
CA LYS A 76 -4.21 12.62 12.47
C LYS A 76 -5.61 13.03 12.04
N PHE A 77 -6.16 12.34 11.04
CA PHE A 77 -7.54 12.58 10.61
C PHE A 77 -8.49 12.14 11.71
N GLU A 78 -9.45 13.04 12.05
CA GLU A 78 -10.44 12.76 13.07
C GLU A 78 -11.83 13.06 12.49
N PRO A 79 -12.66 12.02 12.31
CA PRO A 79 -12.41 10.59 12.59
C PRO A 79 -11.47 9.94 11.57
N PRO A 80 -11.04 8.67 11.79
CA PRO A 80 -10.13 8.03 10.82
C PRO A 80 -10.64 8.01 9.38
N LEU A 81 -9.72 8.27 8.47
CA LEU A 81 -10.01 8.35 7.05
C LEU A 81 -9.69 7.04 6.34
N PHE A 82 -10.46 6.73 5.30
CA PHE A 82 -10.27 5.60 4.42
C PHE A 82 -9.32 6.12 3.34
N HIS A 83 -8.04 5.71 3.40
CA HIS A 83 -7.01 6.09 2.45
C HIS A 83 -5.87 5.11 2.62
N PRO A 84 -5.27 4.63 1.52
CA PRO A 84 -4.24 3.60 1.66
C PRO A 84 -3.05 3.98 2.57
N ASN A 85 -2.73 5.28 2.69
CA ASN A 85 -1.59 5.72 3.49
C ASN A 85 -1.94 6.40 4.81
N VAL A 86 -3.16 6.17 5.31
CA VAL A 86 -3.57 6.69 6.61
C VAL A 86 -3.75 5.45 7.49
N TYR A 87 -3.04 5.38 8.62
CA TYR A 87 -3.15 4.25 9.54
C TYR A 87 -4.60 4.09 10.06
N PRO A 88 -5.02 2.90 10.55
CA PRO A 88 -6.39 2.79 11.08
C PRO A 88 -6.70 3.79 12.18
N SER A 89 -5.70 4.22 12.96
CA SER A 89 -5.86 5.24 14.01
C SER A 89 -6.24 6.62 13.44
N GLY A 90 -5.92 6.86 12.18
CA GLY A 90 -6.13 8.13 11.53
C GLY A 90 -4.84 8.87 11.24
N THR A 91 -3.71 8.43 11.81
CA THR A 91 -2.43 9.06 11.61
C THR A 91 -2.03 9.01 10.12
N VAL A 92 -1.66 10.16 9.57
CA VAL A 92 -1.24 10.24 8.17
C VAL A 92 0.20 9.77 8.06
N CYS A 93 0.49 8.85 7.12
CA CYS A 93 1.86 8.46 6.87
C CYS A 93 2.30 9.09 5.59
N LEU A 94 3.21 10.02 5.73
CA LEU A 94 3.82 10.80 4.68
C LEU A 94 5.28 10.83 5.11
N SER A 95 6.22 10.55 4.19
CA SER A 95 7.64 10.49 4.57
C SER A 95 8.15 11.77 5.20
N ILE A 96 7.65 12.93 4.77
CA ILE A 96 8.05 14.20 5.38
C ILE A 96 7.61 14.31 6.86
N LEU A 97 6.67 13.47 7.32
CA LEU A 97 6.21 13.49 8.68
C LEU A 97 6.97 12.55 9.61
N GLU A 98 8.16 12.09 9.19
CA GLU A 98 9.00 11.24 10.02
C GLU A 98 10.37 11.94 10.20
N GLU A 99 10.76 12.22 11.47
CA GLU A 99 11.99 12.94 11.81
C GLU A 99 13.23 12.34 11.14
N ASP A 100 13.45 11.02 11.34
CA ASP A 100 14.58 10.34 10.73
C ASP A 100 14.48 10.21 9.21
N LYS A 101 13.30 10.44 8.62
CA LYS A 101 13.13 10.28 7.18
C LYS A 101 13.24 11.63 6.41
N ASP A 102 12.16 12.16 5.81
CA ASP A 102 12.18 13.37 5.00
C ASP A 102 11.72 14.68 5.67
N TRP A 103 11.63 14.71 7.03
CA TRP A 103 11.23 15.97 7.67
C TRP A 103 12.35 16.98 7.55
N ARG A 104 12.01 18.24 7.27
CA ARG A 104 12.99 19.32 7.26
C ARG A 104 12.33 20.50 8.00
N PRO A 105 13.07 21.17 8.89
CA PRO A 105 12.50 22.30 9.63
C PRO A 105 11.98 23.43 8.75
N ALA A 106 12.50 23.55 7.52
CA ALA A 106 11.97 24.59 6.62
C ALA A 106 10.52 24.33 6.18
N ILE A 107 10.00 23.10 6.35
CA ILE A 107 8.64 22.77 5.94
C ILE A 107 7.64 23.43 6.85
N THR A 108 6.59 24.05 6.29
CA THR A 108 5.60 24.79 7.07
C THR A 108 4.26 24.03 7.16
N ILE A 109 3.34 24.48 8.05
CA ILE A 109 2.00 23.93 8.21
C ILE A 109 1.25 24.03 6.87
N LYS A 110 1.34 25.20 6.20
CA LYS A 110 0.69 25.38 4.90
C LYS A 110 1.16 24.31 3.90
N GLN A 111 2.47 24.04 3.83
CA GLN A 111 3.00 23.00 2.93
C GLN A 111 2.52 21.60 3.34
N ILE A 112 2.42 21.33 4.64
CA ILE A 112 1.97 20.02 5.12
C ILE A 112 0.52 19.79 4.69
N LEU A 113 -0.34 20.78 4.90
CA LEU A 113 -1.75 20.67 4.56
C LEU A 113 -1.97 20.54 3.07
N LEU A 114 -1.23 21.33 2.29
CA LEU A 114 -1.28 21.22 0.84
C LEU A 114 -0.75 19.84 0.37
N GLY A 115 0.24 19.31 1.06
CA GLY A 115 0.82 18.02 0.72
C GLY A 115 -0.11 16.88 1.07
N ILE A 116 -0.81 16.98 2.19
CA ILE A 116 -1.77 15.95 2.58
C ILE A 116 -2.95 15.97 1.62
N GLN A 117 -3.35 17.16 1.10
CA GLN A 117 -4.40 17.22 0.07
C GLN A 117 -3.96 16.47 -1.17
N GLU A 118 -2.69 16.65 -1.59
CA GLU A 118 -2.11 15.97 -2.75
C GLU A 118 -2.10 14.46 -2.51
N LEU A 119 -1.77 14.04 -1.27
CA LEU A 119 -1.71 12.63 -0.91
C LEU A 119 -3.04 11.95 -1.09
N LEU A 120 -4.17 12.65 -0.82
CA LEU A 120 -5.51 12.08 -0.97
C LEU A 120 -5.74 11.40 -2.30
N ASN A 121 -5.45 12.07 -3.42
CA ASN A 121 -5.64 11.41 -4.72
C ASN A 121 -4.35 10.83 -5.33
N GLU A 122 -3.24 10.83 -4.58
CA GLU A 122 -1.99 10.25 -5.03
C GLU A 122 -1.45 9.27 -3.97
N PRO A 123 -2.18 8.17 -3.65
CA PRO A 123 -1.67 7.24 -2.65
C PRO A 123 -0.48 6.45 -3.16
N ASN A 124 0.35 6.01 -2.23
CA ASN A 124 1.50 5.18 -2.53
C ASN A 124 1.17 3.73 -2.15
N ILE A 125 0.88 2.89 -3.15
CA ILE A 125 0.53 1.48 -2.90
C ILE A 125 1.70 0.62 -2.50
N GLN A 126 2.96 1.09 -2.67
CA GLN A 126 4.14 0.33 -2.32
C GLN A 126 4.20 0.07 -0.84
N ASP A 127 3.90 1.10 -0.04
CA ASP A 127 3.88 0.94 1.40
C ASP A 127 2.56 1.44 1.97
N PRO A 128 1.53 0.59 1.96
CA PRO A 128 0.25 1.02 2.54
C PRO A 128 0.28 0.99 4.09
N ALA A 129 -0.52 1.87 4.72
CA ALA A 129 -0.64 2.02 6.19
C ALA A 129 -1.88 1.30 6.76
N GLN A 130 -2.90 1.03 5.93
CA GLN A 130 -4.09 0.32 6.38
C GLN A 130 -4.49 -0.77 5.42
N ALA A 131 -4.90 -1.91 5.98
CA ALA A 131 -5.30 -3.04 5.17
C ALA A 131 -6.60 -2.76 4.40
N GLU A 132 -7.59 -2.12 5.06
CA GLU A 132 -8.91 -1.89 4.47
C GLU A 132 -8.90 -1.12 3.15
N ALA A 133 -8.47 0.15 3.14
CA ALA A 133 -8.48 0.95 1.92
C ALA A 133 -7.58 0.39 0.84
N TYR A 134 -6.38 -0.07 1.21
CA TYR A 134 -5.45 -0.61 0.23
C TYR A 134 -6.04 -1.84 -0.48
N THR A 135 -6.64 -2.79 0.26
CA THR A 135 -7.22 -4.01 -0.32
C THR A 135 -8.28 -3.69 -1.36
N ILE A 136 -9.08 -2.65 -1.11
CA ILE A 136 -10.13 -2.24 -2.03
C ILE A 136 -9.51 -1.63 -3.29
N TYR A 137 -8.52 -0.74 -3.12
CA TYR A 137 -7.79 -0.09 -4.22
C TYR A 137 -7.11 -1.15 -5.12
N ALA A 138 -6.55 -2.19 -4.49
CA ALA A 138 -5.83 -3.25 -5.18
C ALA A 138 -6.69 -4.21 -5.96
N GLN A 139 -7.92 -4.45 -5.51
CA GLN A 139 -8.79 -5.40 -6.19
C GLN A 139 -9.72 -4.73 -7.20
N ASN A 140 -10.37 -3.65 -6.77
CA ASN A 140 -11.36 -3.01 -7.61
C ASN A 140 -11.32 -1.51 -7.47
N ARG A 141 -10.68 -0.84 -8.44
CA ARG A 141 -10.59 0.62 -8.43
C ARG A 141 -11.97 1.31 -8.56
N VAL A 142 -12.98 0.62 -9.14
CA VAL A 142 -14.31 1.18 -9.23
C VAL A 142 -14.92 1.25 -7.83
N GLU A 143 -14.82 0.14 -7.06
CA GLU A 143 -15.31 0.08 -5.68
C GLU A 143 -14.52 1.01 -4.77
N TYR A 144 -13.20 1.14 -5.02
CA TYR A 144 -12.34 2.04 -4.27
C TYR A 144 -12.82 3.48 -4.47
N GLU A 145 -13.05 3.89 -5.72
CA GLU A 145 -13.50 5.25 -6.00
C GLU A 145 -14.89 5.51 -5.42
N LYS A 146 -15.76 4.50 -5.38
CA LYS A 146 -17.09 4.65 -4.81
C LYS A 146 -17.00 4.80 -3.30
N ARG A 147 -16.13 4.03 -2.65
CA ARG A 147 -15.88 4.19 -1.22
C ARG A 147 -15.33 5.59 -0.93
N VAL A 148 -14.49 6.16 -1.80
CA VAL A 148 -13.94 7.52 -1.62
C VAL A 148 -15.03 8.57 -1.77
N ARG A 149 -15.87 8.43 -2.80
CA ARG A 149 -16.97 9.37 -3.01
C ARG A 149 -17.96 9.32 -1.86
N ALA A 150 -18.30 8.12 -1.38
CA ALA A 150 -19.22 7.94 -0.25
C ALA A 150 -18.66 8.62 1.00
N GLN A 151 -17.35 8.55 1.21
CA GLN A 151 -16.70 9.17 2.34
C GLN A 151 -16.66 10.70 2.19
N ALA A 152 -16.50 11.20 0.95
CA ALA A 152 -16.50 12.64 0.68
C ALA A 152 -17.89 13.23 0.96
N LYS A 153 -18.97 12.47 0.64
CA LYS A 153 -20.34 12.90 0.93
C LYS A 153 -20.60 12.85 2.44
N LYS A 154 -20.05 11.83 3.12
CA LYS A 154 -20.16 11.67 4.57
C LYS A 154 -19.44 12.81 5.32
N PHE A 155 -18.37 13.35 4.75
CA PHE A 155 -17.65 14.45 5.38
C PHE A 155 -17.92 15.80 4.71
N ALA A 156 -19.03 15.94 3.98
CA ALA A 156 -19.38 17.18 3.32
C ALA A 156 -19.70 18.23 4.36
N PRO A 157 -19.19 19.46 4.19
CA PRO A 157 -19.47 20.50 5.19
C PRO A 157 -20.90 21.02 5.14
N SER B 2 39.41 8.49 -8.86
CA SER B 2 38.93 9.55 -8.01
C SER B 2 38.92 10.88 -8.81
N GLY B 3 39.65 11.92 -8.38
CA GLY B 3 39.65 13.23 -9.02
C GLY B 3 40.05 13.25 -10.49
N ILE B 4 40.98 12.37 -10.87
CA ILE B 4 41.39 12.28 -12.28
C ILE B 4 40.23 11.77 -13.15
N ALA B 5 39.54 10.72 -12.68
CA ALA B 5 38.40 10.19 -13.39
C ALA B 5 37.27 11.22 -13.40
N LEU B 6 36.99 11.87 -12.26
CA LEU B 6 35.94 12.88 -12.17
C LEU B 6 36.19 14.07 -13.08
N SER B 7 37.43 14.55 -13.19
N SER B 7 37.45 14.52 -13.19
CA SER B 7 37.70 15.70 -14.06
CA SER B 7 37.86 15.66 -14.02
C SER B 7 37.48 15.33 -15.52
C SER B 7 37.79 15.39 -15.52
N ARG B 8 37.93 14.13 -15.91
CA ARG B 8 37.80 13.69 -17.29
C ARG B 8 36.33 13.42 -17.57
N LEU B 9 35.61 12.79 -16.64
CA LEU B 9 34.19 12.48 -16.81
C LEU B 9 33.30 13.73 -16.85
N ALA B 10 33.68 14.78 -16.13
CA ALA B 10 32.93 16.04 -16.15
C ALA B 10 33.19 16.77 -17.50
N GLN B 11 34.41 16.67 -18.01
CA GLN B 11 34.84 17.21 -19.32
C GLN B 11 34.01 16.51 -20.41
N GLU B 12 33.84 15.18 -20.28
CA GLU B 12 33.08 14.39 -21.21
C GLU B 12 31.59 14.68 -21.15
N ARG B 13 31.06 14.87 -19.96
CA ARG B 13 29.65 15.23 -19.79
C ARG B 13 29.38 16.59 -20.42
N LYS B 14 30.27 17.54 -20.20
CA LYS B 14 30.15 18.90 -20.75
C LYS B 14 30.19 18.84 -22.28
N ALA B 15 31.10 18.03 -22.84
CA ALA B 15 31.25 17.83 -24.28
C ALA B 15 30.02 17.14 -24.88
N TRP B 16 29.46 16.17 -24.17
CA TRP B 16 28.26 15.47 -24.60
C TRP B 16 27.09 16.43 -24.70
N ARG B 17 26.86 17.25 -23.66
CA ARG B 17 25.79 18.22 -23.64
C ARG B 17 25.95 19.24 -24.76
N LYS B 18 27.21 19.64 -25.04
CA LYS B 18 27.56 20.61 -26.08
C LYS B 18 27.18 20.08 -27.45
N ASP B 19 27.46 18.79 -27.69
CA ASP B 19 27.17 18.17 -28.96
C ASP B 19 27.35 16.68 -28.86
N HIS B 20 26.37 15.93 -29.38
CA HIS B 20 26.41 14.49 -29.37
C HIS B 20 25.65 13.92 -30.58
N PRO B 21 25.87 12.64 -30.95
CA PRO B 21 25.11 12.08 -32.09
C PRO B 21 23.61 12.06 -31.82
N PHE B 22 22.79 12.39 -32.83
CA PHE B 22 21.34 12.42 -32.71
C PHE B 22 20.78 11.06 -32.33
N GLY B 23 19.79 11.03 -31.45
CA GLY B 23 19.16 9.78 -31.03
C GLY B 23 19.87 9.05 -29.91
N PHE B 24 21.14 9.45 -29.62
CA PHE B 24 21.95 8.89 -28.54
C PHE B 24 21.70 9.61 -27.23
N VAL B 25 21.79 8.89 -26.13
CA VAL B 25 21.57 9.44 -24.81
C VAL B 25 22.77 8.99 -23.93
N ALA B 26 23.28 9.89 -23.08
CA ALA B 26 24.39 9.59 -22.17
C ALA B 26 24.24 10.53 -20.97
N VAL B 27 23.85 9.99 -19.85
CA VAL B 27 23.60 10.82 -18.67
C VAL B 27 24.15 10.20 -17.42
N PRO B 28 24.94 10.95 -16.64
CA PRO B 28 25.33 10.45 -15.31
C PRO B 28 24.10 10.15 -14.47
N THR B 29 24.11 8.96 -13.89
CA THR B 29 23.02 8.51 -13.04
C THR B 29 22.95 9.35 -11.76
N LYS B 30 21.88 9.18 -11.01
CA LYS B 30 21.75 9.88 -9.77
C LYS B 30 22.08 8.98 -8.61
N ASN B 31 22.74 9.54 -7.61
CA ASN B 31 22.99 8.91 -6.32
C ASN B 31 21.67 8.91 -5.49
N PRO B 32 21.52 8.06 -4.47
CA PRO B 32 20.28 8.09 -3.66
C PRO B 32 19.87 9.49 -3.13
N ASP B 33 20.84 10.40 -2.96
CA ASP B 33 20.55 11.76 -2.48
C ASP B 33 20.26 12.80 -3.57
N GLY B 34 20.18 12.37 -4.82
CA GLY B 34 19.89 13.27 -5.93
C GLY B 34 21.09 13.86 -6.64
N THR B 35 22.28 13.82 -6.03
CA THR B 35 23.48 14.32 -6.68
C THR B 35 23.84 13.43 -7.87
N MET B 36 24.61 13.96 -8.82
CA MET B 36 25.04 13.18 -9.97
C MET B 36 26.12 12.19 -9.56
N ASN B 37 26.17 11.04 -10.23
CA ASN B 37 27.23 10.05 -10.07
C ASN B 37 27.94 9.95 -11.42
N LEU B 38 29.15 10.57 -11.58
CA LEU B 38 29.93 10.56 -12.84
C LEU B 38 30.53 9.20 -13.20
N MET B 39 30.58 8.26 -12.25
N MET B 39 30.60 8.26 -12.25
CA MET B 39 31.14 6.93 -12.48
CA MET B 39 31.14 6.92 -12.51
C MET B 39 30.09 5.91 -12.99
C MET B 39 30.09 5.91 -12.99
N ASN B 40 28.85 6.34 -13.24
CA ASN B 40 27.78 5.45 -13.66
C ASN B 40 26.81 6.23 -14.55
N TRP B 41 26.84 5.97 -15.85
CA TRP B 41 25.98 6.69 -16.80
C TRP B 41 24.92 5.79 -17.44
N GLU B 42 23.70 6.32 -17.55
CA GLU B 42 22.61 5.66 -18.27
C GLU B 42 22.69 6.19 -19.70
N CYS B 43 22.96 5.29 -20.64
CA CYS B 43 23.10 5.58 -22.04
C CYS B 43 22.04 4.86 -22.87
N ALA B 44 21.89 5.29 -24.12
CA ALA B 44 20.97 4.66 -25.04
C ALA B 44 21.53 4.81 -26.43
N ILE B 45 21.54 3.72 -27.18
CA ILE B 45 22.05 3.70 -28.54
C ILE B 45 20.91 3.35 -29.49
N PRO B 46 20.61 4.21 -30.45
CA PRO B 46 19.57 3.86 -31.42
C PRO B 46 20.14 2.83 -32.42
N GLY B 47 19.29 1.93 -32.90
CA GLY B 47 19.68 1.00 -33.95
C GLY B 47 19.97 1.80 -35.21
N ALA B 48 21.05 1.46 -35.93
CA ALA B 48 21.43 2.24 -37.10
C ALA B 48 20.41 2.16 -38.18
N ALA B 49 20.12 3.29 -38.87
CA ALA B 49 19.15 3.29 -39.97
C ALA B 49 19.66 2.40 -41.11
N GLY B 50 18.75 1.71 -41.75
CA GLY B 50 19.11 0.82 -42.84
C GLY B 50 19.69 -0.52 -42.37
N THR B 51 19.52 -0.86 -41.09
CA THR B 51 19.97 -2.17 -40.57
C THR B 51 18.78 -2.84 -39.87
N PRO B 52 18.81 -4.17 -39.67
CA PRO B 52 17.72 -4.83 -38.91
C PRO B 52 17.56 -4.32 -37.48
N TRP B 53 18.52 -3.55 -36.95
CA TRP B 53 18.47 -2.98 -35.62
C TRP B 53 17.65 -1.68 -35.52
N ALA B 54 17.32 -1.06 -36.68
CA ALA B 54 16.60 0.21 -36.71
C ALA B 54 15.26 0.21 -36.01
N GLY B 55 14.97 1.32 -35.36
CA GLY B 55 13.74 1.48 -34.59
C GLY B 55 13.92 1.23 -33.10
N GLY B 56 14.89 0.42 -32.73
CA GLY B 56 15.15 0.09 -31.34
C GLY B 56 16.06 1.09 -30.67
N LEU B 57 15.84 1.33 -29.37
CA LEU B 57 16.69 2.24 -28.62
C LEU B 57 17.23 1.38 -27.51
N PHE B 58 18.47 0.98 -27.67
CA PHE B 58 19.13 0.01 -26.80
C PHE B 58 19.82 0.66 -25.61
N LYS B 59 19.23 0.49 -24.46
CA LYS B 59 19.71 1.08 -23.23
C LYS B 59 20.88 0.33 -22.64
N LEU B 60 21.89 1.08 -22.21
CA LEU B 60 23.06 0.47 -21.58
C LEU B 60 23.68 1.37 -20.52
N ARG B 61 24.38 0.76 -19.57
N ARG B 61 24.39 0.75 -19.59
CA ARG B 61 25.03 1.50 -18.51
CA ARG B 61 25.05 1.48 -18.52
C ARG B 61 26.53 1.48 -18.70
C ARG B 61 26.53 1.49 -18.74
N MET B 62 27.17 2.62 -18.49
CA MET B 62 28.62 2.71 -18.58
C MET B 62 29.12 2.89 -17.14
N LEU B 63 29.92 1.95 -16.65
CA LEU B 63 30.46 1.97 -15.28
C LEU B 63 31.95 2.29 -15.35
N PHE B 64 32.37 3.37 -14.73
CA PHE B 64 33.74 3.81 -14.76
C PHE B 64 34.46 3.52 -13.46
N LYS B 65 35.69 3.01 -13.56
CA LYS B 65 36.50 2.74 -12.36
C LYS B 65 37.25 4.01 -11.94
N ASP B 66 37.80 4.01 -10.71
CA ASP B 66 38.54 5.15 -10.16
C ASP B 66 39.71 5.60 -11.02
N ASP B 67 40.33 4.67 -11.76
CA ASP B 67 41.47 5.01 -12.61
C ASP B 67 41.12 5.26 -14.07
N TYR B 68 39.84 5.56 -14.41
CA TYR B 68 39.44 5.92 -15.77
C TYR B 68 40.10 7.29 -16.06
N PRO B 69 40.72 7.53 -17.23
CA PRO B 69 40.68 6.70 -18.45
C PRO B 69 41.78 5.69 -18.65
N SER B 70 42.58 5.33 -17.62
CA SER B 70 43.59 4.26 -17.80
C SER B 70 42.88 2.91 -17.98
N SER B 71 41.66 2.74 -17.45
CA SER B 71 40.88 1.53 -17.58
C SER B 71 39.69 1.84 -18.44
N PRO B 72 39.16 0.85 -19.17
CA PRO B 72 37.95 1.11 -19.95
C PRO B 72 36.72 1.10 -19.06
N PRO B 73 35.64 1.76 -19.46
CA PRO B 73 34.40 1.58 -18.71
C PRO B 73 33.86 0.17 -18.98
N LYS B 74 33.03 -0.33 -18.05
CA LYS B 74 32.33 -1.58 -18.26
C LYS B 74 31.01 -1.16 -18.87
N CYS B 75 30.69 -1.70 -20.03
CA CYS B 75 29.46 -1.33 -20.72
C CYS B 75 28.49 -2.49 -20.65
N LYS B 76 27.28 -2.25 -20.16
CA LYS B 76 26.31 -3.33 -19.98
C LYS B 76 24.92 -2.96 -20.45
N PHE B 77 24.40 -3.68 -21.45
CA PHE B 77 23.05 -3.49 -21.94
C PHE B 77 22.07 -3.91 -20.85
N GLU B 78 21.11 -3.03 -20.57
CA GLU B 78 20.07 -3.30 -19.59
C GLU B 78 18.72 -3.04 -20.22
N PRO B 79 17.92 -4.09 -20.43
CA PRO B 79 18.17 -5.50 -20.11
C PRO B 79 19.15 -6.16 -21.09
N PRO B 80 19.56 -7.43 -20.84
CA PRO B 80 20.51 -8.08 -21.76
C PRO B 80 20.10 -8.11 -23.23
N LEU B 81 21.06 -7.88 -24.10
CA LEU B 81 20.82 -7.83 -25.54
C LEU B 81 21.19 -9.16 -26.20
N PHE B 82 20.47 -9.49 -27.26
CA PHE B 82 20.74 -10.63 -28.12
C PHE B 82 21.71 -10.10 -29.16
N HIS B 83 22.97 -10.48 -29.05
CA HIS B 83 24.05 -10.09 -29.98
C HIS B 83 25.23 -11.04 -29.74
N PRO B 84 25.87 -11.57 -30.80
CA PRO B 84 26.96 -12.53 -30.59
C PRO B 84 28.07 -12.09 -29.65
N ASN B 85 28.32 -10.78 -29.51
CA ASN B 85 29.42 -10.29 -28.67
C ASN B 85 29.00 -9.63 -27.37
N VAL B 86 27.77 -9.88 -26.94
CA VAL B 86 27.28 -9.35 -25.67
C VAL B 86 27.09 -10.58 -24.78
N TYR B 87 27.75 -10.61 -23.61
CA TYR B 87 27.63 -11.73 -22.67
C TYR B 87 26.17 -11.91 -22.23
N PRO B 88 25.76 -13.11 -21.75
CA PRO B 88 24.38 -13.28 -21.28
C PRO B 88 23.95 -12.24 -20.22
N SER B 89 24.91 -11.76 -19.40
CA SER B 89 24.65 -10.72 -18.39
C SER B 89 24.27 -9.37 -18.99
N GLY B 90 24.68 -9.15 -20.23
CA GLY B 90 24.47 -7.88 -20.90
C GLY B 90 25.76 -7.13 -21.16
N THR B 91 26.86 -7.53 -20.51
CA THR B 91 28.16 -6.88 -20.68
C THR B 91 28.62 -6.95 -22.14
N VAL B 92 29.02 -5.81 -22.71
CA VAL B 92 29.51 -5.76 -24.09
C VAL B 92 30.97 -6.21 -24.12
N CYS B 93 31.32 -7.15 -25.01
CA CYS B 93 32.71 -7.52 -25.17
C CYS B 93 33.18 -6.97 -26.49
N LEU B 94 34.03 -6.01 -26.41
CA LEU B 94 34.61 -5.28 -27.53
C LEU B 94 36.07 -5.20 -27.10
N SER B 95 37.03 -5.51 -28.00
CA SER B 95 38.44 -5.53 -27.60
C SER B 95 38.92 -4.23 -26.98
N ILE B 96 38.40 -3.08 -27.45
CA ILE B 96 38.75 -1.78 -26.87
C ILE B 96 38.25 -1.65 -25.41
N LEU B 97 37.32 -2.49 -24.97
CA LEU B 97 36.83 -2.45 -23.59
C LEU B 97 37.59 -3.40 -22.65
N GLU B 98 38.79 -3.85 -23.05
CA GLU B 98 39.64 -4.71 -22.24
C GLU B 98 40.96 -3.97 -22.03
N GLU B 99 41.35 -3.75 -20.76
CA GLU B 99 42.55 -3.00 -20.41
C GLU B 99 43.83 -3.57 -21.02
N ASP B 100 44.11 -4.88 -20.82
CA ASP B 100 45.29 -5.52 -21.38
C ASP B 100 45.25 -5.63 -22.92
N LYS B 101 44.08 -5.43 -23.55
CA LYS B 101 43.94 -5.60 -24.98
C LYS B 101 44.00 -4.24 -25.74
N ASP B 102 42.91 -3.76 -26.35
CA ASP B 102 42.90 -2.54 -27.16
C ASP B 102 42.39 -1.26 -26.49
N TRP B 103 42.27 -1.22 -25.14
CA TRP B 103 41.80 0.05 -24.53
C TRP B 103 42.90 1.09 -24.63
N ARG B 104 42.53 2.32 -24.95
CA ARG B 104 43.48 3.43 -24.97
C ARG B 104 42.81 4.59 -24.25
N PRO B 105 43.54 5.28 -23.35
CA PRO B 105 42.93 6.40 -22.62
C PRO B 105 42.44 7.51 -23.53
N ALA B 106 42.96 7.63 -24.77
CA ALA B 106 42.44 8.65 -25.70
C ALA B 106 41.01 8.38 -26.14
N ILE B 107 40.49 7.15 -25.97
CA ILE B 107 39.14 6.81 -26.39
C ILE B 107 38.13 7.49 -25.50
N THR B 108 37.11 8.12 -26.10
CA THR B 108 36.08 8.83 -25.35
C THR B 108 34.74 8.07 -25.31
N ILE B 109 33.78 8.55 -24.47
CA ILE B 109 32.47 7.96 -24.36
C ILE B 109 31.75 8.04 -25.72
N LYS B 110 31.86 9.19 -26.42
CA LYS B 110 31.26 9.35 -27.73
C LYS B 110 31.75 8.27 -28.71
N GLN B 111 33.07 8.01 -28.72
CA GLN B 111 33.64 6.97 -29.57
C GLN B 111 33.15 5.58 -29.16
N ILE B 112 33.03 5.31 -27.87
CA ILE B 112 32.55 4.02 -27.38
C ILE B 112 31.13 3.76 -27.84
N LEU B 113 30.25 4.73 -27.68
CA LEU B 113 28.85 4.60 -28.05
C LEU B 113 28.67 4.44 -29.55
N LEU B 114 29.40 5.24 -30.32
CA LEU B 114 29.38 5.12 -31.76
C LEU B 114 29.95 3.75 -32.20
N GLY B 115 30.94 3.24 -31.50
CA GLY B 115 31.57 1.97 -31.82
C GLY B 115 30.67 0.80 -31.46
N ILE B 116 29.92 0.92 -30.36
CA ILE B 116 28.99 -0.12 -29.97
C ILE B 116 27.84 -0.13 -30.96
N GLN B 117 27.39 1.03 -31.48
CA GLN B 117 26.36 1.05 -32.53
C GLN B 117 26.84 0.29 -33.75
N GLU B 118 28.11 0.50 -34.14
CA GLU B 118 28.73 -0.18 -35.29
C GLU B 118 28.80 -1.68 -35.03
N LEU B 119 29.15 -2.08 -33.79
CA LEU B 119 29.23 -3.47 -33.36
C LEU B 119 27.91 -4.20 -33.56
N LEU B 120 26.77 -3.53 -33.33
CA LEU B 120 25.44 -4.14 -33.49
C LEU B 120 25.26 -4.87 -34.83
N ASN B 121 25.53 -4.20 -35.95
CA ASN B 121 25.37 -4.85 -37.24
C ASN B 121 26.69 -5.43 -37.80
N GLU B 122 27.80 -5.38 -37.02
CA GLU B 122 29.10 -5.92 -37.41
C GLU B 122 29.70 -6.83 -36.30
N PRO B 123 29.05 -7.94 -35.95
CA PRO B 123 29.58 -8.79 -34.87
C PRO B 123 30.86 -9.55 -35.27
N ASN B 124 31.66 -9.95 -34.26
CA ASN B 124 32.85 -10.74 -34.47
C ASN B 124 32.61 -12.18 -34.03
N ILE B 125 32.48 -13.07 -34.98
CA ILE B 125 32.23 -14.48 -34.69
C ILE B 125 33.44 -15.27 -34.21
N GLN B 126 34.66 -14.72 -34.34
CA GLN B 126 35.87 -15.42 -33.93
C GLN B 126 35.89 -15.66 -32.44
N ASP B 127 35.49 -14.65 -31.66
CA ASP B 127 35.42 -14.73 -30.22
C ASP B 127 34.03 -14.29 -29.75
N PRO B 128 33.06 -15.21 -29.76
CA PRO B 128 31.71 -14.84 -29.29
C PRO B 128 31.59 -14.83 -27.77
N ALA B 129 30.66 -14.03 -27.25
CA ALA B 129 30.42 -13.89 -25.82
C ALA B 129 29.18 -14.66 -25.32
N GLN B 130 28.22 -14.97 -26.20
CA GLN B 130 27.03 -15.72 -25.78
C GLN B 130 26.75 -16.86 -26.70
N ALA B 131 26.32 -17.99 -26.17
CA ALA B 131 26.04 -19.16 -26.99
C ALA B 131 24.81 -18.94 -27.87
N GLU B 132 23.74 -18.33 -27.33
CA GLU B 132 22.47 -18.14 -28.04
C GLU B 132 22.56 -17.37 -29.38
N ALA B 133 22.94 -16.09 -29.39
CA ALA B 133 22.98 -15.32 -30.62
C ALA B 133 24.06 -15.78 -31.57
N TYR B 134 25.21 -16.25 -31.05
CA TYR B 134 26.26 -16.75 -31.92
C TYR B 134 25.79 -18.02 -32.64
N THR B 135 25.21 -18.99 -31.91
CA THR B 135 24.73 -20.24 -32.48
C THR B 135 23.73 -20.02 -33.60
N ILE B 136 22.78 -19.08 -33.40
CA ILE B 136 21.80 -18.81 -34.45
C ILE B 136 22.48 -18.12 -35.63
N TYR B 137 23.36 -17.13 -35.38
CA TYR B 137 24.08 -16.42 -36.43
C TYR B 137 24.88 -17.41 -37.29
N ALA B 138 25.51 -18.41 -36.65
CA ALA B 138 26.34 -19.40 -37.29
C ALA B 138 25.61 -20.40 -38.14
N GLN B 139 24.35 -20.73 -37.78
CA GLN B 139 23.61 -21.73 -38.56
C GLN B 139 22.61 -21.12 -39.49
N ASN B 140 21.85 -20.13 -39.00
CA ASN B 140 20.79 -19.54 -39.78
C ASN B 140 20.71 -18.02 -39.70
N ARG B 141 21.37 -17.33 -40.65
CA ARG B 141 21.37 -15.89 -40.72
C ARG B 141 19.98 -15.30 -40.98
N VAL B 142 19.06 -16.08 -41.57
CA VAL B 142 17.69 -15.62 -41.82
C VAL B 142 16.98 -15.49 -40.48
N GLU B 143 17.08 -16.53 -39.63
CA GLU B 143 16.49 -16.53 -38.29
C GLU B 143 17.18 -15.52 -37.38
N TYR B 144 18.51 -15.39 -37.52
CA TYR B 144 19.26 -14.43 -36.71
C TYR B 144 18.77 -13.00 -36.97
N GLU B 145 18.50 -12.65 -38.24
CA GLU B 145 17.98 -11.35 -38.63
C GLU B 145 16.55 -11.16 -38.10
N LYS B 146 15.73 -12.20 -38.20
CA LYS B 146 14.36 -12.15 -37.71
C LYS B 146 14.35 -11.90 -36.17
N ARG B 147 15.32 -12.47 -35.46
CA ARG B 147 15.48 -12.27 -34.02
C ARG B 147 15.92 -10.85 -33.73
N VAL B 148 16.77 -10.28 -34.59
CA VAL B 148 17.25 -8.91 -34.41
C VAL B 148 16.07 -7.93 -34.52
N ARG B 149 15.27 -8.06 -35.60
CA ARG B 149 14.13 -7.20 -35.85
C ARG B 149 13.13 -7.27 -34.71
N ALA B 150 12.83 -8.49 -34.24
CA ALA B 150 11.89 -8.69 -33.14
C ALA B 150 12.38 -7.97 -31.87
N GLN B 151 13.69 -7.97 -31.64
CA GLN B 151 14.28 -7.32 -30.48
C GLN B 151 14.27 -5.78 -30.66
N ALA B 152 14.46 -5.29 -31.87
CA ALA B 152 14.39 -3.85 -32.16
C ALA B 152 12.97 -3.31 -31.92
N LYS B 153 11.94 -4.11 -32.26
CA LYS B 153 10.54 -3.73 -32.03
C LYS B 153 10.24 -3.78 -30.52
N LYS B 154 10.82 -4.76 -29.81
CA LYS B 154 10.69 -4.91 -28.35
C LYS B 154 11.33 -3.73 -27.62
N PHE B 155 12.40 -3.15 -28.16
CA PHE B 155 13.07 -2.03 -27.52
C PHE B 155 12.76 -0.68 -28.20
N ALA B 156 11.66 -0.60 -28.95
CA ALA B 156 11.29 0.63 -29.62
C ALA B 156 10.93 1.68 -28.59
N PRO B 157 11.39 2.93 -28.75
CA PRO B 157 11.07 3.96 -27.76
C PRO B 157 9.62 4.43 -27.83
N SER C 2 -50.39 -5.30 16.12
CA SER C 2 -49.23 -5.04 16.98
C SER C 2 -49.00 -6.09 18.10
N GLY C 3 -49.78 -7.16 18.08
CA GLY C 3 -49.69 -8.29 19.00
C GLY C 3 -48.45 -9.14 18.80
N ILE C 4 -47.80 -9.04 17.63
CA ILE C 4 -46.55 -9.79 17.40
C ILE C 4 -45.45 -9.25 18.32
N ALA C 5 -45.33 -7.91 18.41
CA ALA C 5 -44.34 -7.30 19.28
C ALA C 5 -44.69 -7.59 20.73
N LEU C 6 -45.97 -7.46 21.12
CA LEU C 6 -46.40 -7.74 22.50
C LEU C 6 -46.16 -9.18 22.95
N SER C 7 -46.47 -10.17 22.08
CA SER C 7 -46.22 -11.59 22.41
C SER C 7 -44.72 -11.85 22.64
N ARG C 8 -43.88 -11.31 21.76
CA ARG C 8 -42.43 -11.49 21.83
C ARG C 8 -41.89 -10.73 23.04
N LEU C 9 -42.37 -9.52 23.28
CA LEU C 9 -41.91 -8.72 24.43
C LEU C 9 -42.33 -9.30 25.79
N ALA C 10 -43.48 -9.97 25.84
CA ALA C 10 -43.92 -10.65 27.06
C ALA C 10 -43.07 -11.93 27.28
N GLN C 11 -42.70 -12.60 26.20
CA GLN C 11 -41.83 -13.78 26.22
C GLN C 11 -40.43 -13.34 26.74
N GLU C 12 -39.95 -12.16 26.29
CA GLU C 12 -38.67 -11.56 26.68
C GLU C 12 -38.71 -11.19 28.17
N ARG C 13 -39.82 -10.60 28.62
CA ARG C 13 -39.97 -10.20 30.01
C ARG C 13 -39.98 -11.42 30.91
N LYS C 14 -40.70 -12.46 30.52
CA LYS C 14 -40.78 -13.71 31.25
C LYS C 14 -39.38 -14.35 31.39
N ALA C 15 -38.62 -14.36 30.29
CA ALA C 15 -37.26 -14.90 30.23
C ALA C 15 -36.32 -14.09 31.12
N TRP C 16 -36.47 -12.77 31.14
CA TRP C 16 -35.65 -11.89 31.95
C TRP C 16 -35.88 -12.17 33.43
N ARG C 17 -37.15 -12.26 33.84
CA ARG C 17 -37.49 -12.54 35.23
C ARG C 17 -36.96 -13.90 35.66
N LYS C 18 -37.05 -14.90 34.77
CA LYS C 18 -36.59 -16.27 35.04
C LYS C 18 -35.07 -16.30 35.25
N ASP C 19 -34.33 -15.52 34.47
CA ASP C 19 -32.88 -15.47 34.59
C ASP C 19 -32.31 -14.36 33.77
N HIS C 20 -31.43 -13.57 34.37
CA HIS C 20 -30.79 -12.46 33.68
C HIS C 20 -29.37 -12.23 34.24
N PRO C 21 -28.52 -11.48 33.53
CA PRO C 21 -27.16 -11.23 34.07
C PRO C 21 -27.22 -10.44 35.38
N PHE C 22 -26.37 -10.80 36.38
CA PHE C 22 -26.35 -10.13 37.68
C PHE C 22 -26.02 -8.64 37.51
N GLY C 23 -26.70 -7.79 38.27
CA GLY C 23 -26.45 -6.35 38.25
C GLY C 23 -27.20 -5.59 37.18
N PHE C 24 -27.76 -6.33 36.20
CA PHE C 24 -28.55 -5.74 35.13
C PHE C 24 -30.02 -5.61 35.54
N VAL C 25 -30.67 -4.59 35.00
CA VAL C 25 -32.07 -4.33 35.30
C VAL C 25 -32.78 -4.13 33.95
N ALA C 26 -33.98 -4.68 33.77
CA ALA C 26 -34.80 -4.53 32.55
C ALA C 26 -36.24 -4.67 32.96
N VAL C 27 -36.97 -3.58 32.94
CA VAL C 27 -38.35 -3.60 33.40
C VAL C 27 -39.23 -2.79 32.49
N PRO C 28 -40.36 -3.37 32.03
CA PRO C 28 -41.35 -2.54 31.31
C PRO C 28 -41.81 -1.38 32.20
N THR C 29 -41.70 -0.19 31.64
CA THR C 29 -42.15 1.04 32.30
C THR C 29 -43.68 0.98 32.55
N LYS C 30 -44.21 1.95 33.31
CA LYS C 30 -45.65 1.97 33.56
C LYS C 30 -46.30 3.07 32.73
N ASN C 31 -47.52 2.80 32.28
CA ASN C 31 -48.40 3.76 31.62
C ASN C 31 -48.99 4.69 32.70
N PRO C 32 -49.54 5.88 32.35
CA PRO C 32 -50.11 6.76 33.40
C PRO C 32 -51.15 6.08 34.30
N ASP C 33 -51.83 5.03 33.79
CA ASP C 33 -52.86 4.32 34.55
C ASP C 33 -52.34 3.15 35.39
N GLY C 34 -51.04 2.94 35.42
CA GLY C 34 -50.46 1.86 36.21
C GLY C 34 -50.21 0.56 35.48
N THR C 35 -50.84 0.37 34.31
CA THR C 35 -50.61 -0.85 33.53
C THR C 35 -49.19 -0.84 32.97
N MET C 36 -48.66 -2.02 32.64
CA MET C 36 -47.33 -2.12 32.06
C MET C 36 -47.33 -1.62 30.62
N ASN C 37 -46.22 -1.06 30.19
CA ASN C 37 -46.02 -0.68 28.80
C ASN C 37 -44.88 -1.56 28.26
N LEU C 38 -45.15 -2.66 27.53
CA LEU C 38 -44.11 -3.57 26.97
C LEU C 38 -43.22 -2.94 25.89
N MET C 39 -43.66 -1.82 25.31
N MET C 39 -43.66 -1.82 25.30
CA MET C 39 -42.91 -1.13 24.26
CA MET C 39 -42.88 -1.15 24.25
C MET C 39 -41.89 -0.10 24.81
C MET C 39 -41.89 -0.09 24.80
N ASN C 40 -41.76 0.02 26.13
CA ASN C 40 -40.87 0.98 26.72
C ASN C 40 -40.30 0.41 28.04
N TRP C 41 -39.03 0.02 28.04
CA TRP C 41 -38.42 -0.58 29.24
C TRP C 41 -37.35 0.29 29.88
N GLU C 42 -37.36 0.39 31.20
CA GLU C 42 -36.31 1.05 31.96
C GLU C 42 -35.27 -0.03 32.29
N CYS C 43 -34.07 0.14 31.75
CA CYS C 43 -32.97 -0.78 31.91
C CYS C 43 -31.80 -0.11 32.62
N ALA C 44 -30.88 -0.94 33.10
CA ALA C 44 -29.68 -0.44 33.75
C ALA C 44 -28.56 -1.43 33.49
N ILE C 45 -27.41 -0.93 33.08
CA ILE C 45 -26.24 -1.74 32.78
C ILE C 45 -25.14 -1.39 33.75
N PRO C 46 -24.63 -2.37 34.51
CA PRO C 46 -23.51 -2.07 35.39
C PRO C 46 -22.23 -1.95 34.56
N GLY C 47 -21.31 -1.09 34.99
CA GLY C 47 -20.01 -0.99 34.35
C GLY C 47 -19.28 -2.31 34.57
N ALA C 48 -18.59 -2.83 33.55
CA ALA C 48 -17.91 -4.12 33.68
C ALA C 48 -16.80 -4.08 34.71
N ALA C 49 -16.67 -5.13 35.54
CA ALA C 49 -15.58 -5.18 36.54
C ALA C 49 -14.23 -5.21 35.82
N GLY C 50 -13.24 -4.55 36.38
CA GLY C 50 -11.91 -4.50 35.77
C GLY C 50 -11.81 -3.52 34.62
N THR C 51 -12.77 -2.61 34.48
CA THR C 51 -12.71 -1.56 33.46
C THR C 51 -12.93 -0.19 34.14
N PRO C 52 -12.53 0.92 33.51
CA PRO C 52 -12.81 2.25 34.09
C PRO C 52 -14.30 2.55 34.33
N TRP C 53 -15.20 1.75 33.74
CA TRP C 53 -16.64 1.92 33.89
C TRP C 53 -17.21 1.31 35.17
N ALA C 54 -16.44 0.47 35.86
CA ALA C 54 -16.90 -0.23 37.06
C ALA C 54 -17.39 0.68 38.18
N GLY C 55 -18.43 0.24 38.87
CA GLY C 55 -19.05 1.01 39.93
C GLY C 55 -20.28 1.78 39.48
N GLY C 56 -20.34 2.14 38.21
CA GLY C 56 -21.48 2.88 37.69
C GLY C 56 -22.61 1.99 37.23
N LEU C 57 -23.85 2.46 37.37
CA LEU C 57 -25.01 1.71 36.93
C LEU C 57 -25.67 2.64 35.96
N PHE C 58 -25.47 2.34 34.68
CA PHE C 58 -25.86 3.19 33.57
C PHE C 58 -27.28 2.92 33.09
N LYS C 59 -28.16 3.84 33.43
CA LYS C 59 -29.58 3.72 33.10
C LYS C 59 -29.89 4.05 31.65
N LEU C 60 -30.72 3.22 31.04
CA LEU C 60 -31.11 3.43 29.64
C LEU C 60 -32.50 2.92 29.36
N ARG C 61 -33.15 3.51 28.36
N ARG C 61 -33.14 3.50 28.36
CA ARG C 61 -34.50 3.10 27.99
CA ARG C 61 -34.47 3.11 27.97
C ARG C 61 -34.48 2.38 26.68
C ARG C 61 -34.43 2.34 26.68
N MET C 62 -35.23 1.29 26.59
CA MET C 62 -35.34 0.54 25.34
C MET C 62 -36.75 0.82 24.81
N LEU C 63 -36.86 1.40 23.62
CA LEU C 63 -38.13 1.75 23.00
C LEU C 63 -38.36 0.82 21.84
N PHE C 64 -39.46 0.08 21.86
CA PHE C 64 -39.77 -0.90 20.82
C PHE C 64 -40.88 -0.40 19.92
N LYS C 65 -40.70 -0.55 18.61
CA LYS C 65 -41.70 -0.18 17.62
C LYS C 65 -42.70 -1.32 17.45
N ASP C 66 -43.85 -1.01 16.83
CA ASP C 66 -44.93 -1.95 16.59
C ASP C 66 -44.51 -3.21 15.85
N ASP C 67 -43.49 -3.10 14.98
CA ASP C 67 -43.03 -4.25 14.22
C ASP C 67 -41.81 -4.96 14.81
N TYR C 68 -41.51 -4.77 16.11
CA TYR C 68 -40.44 -5.50 16.79
C TYR C 68 -40.86 -6.99 16.83
N PRO C 69 -39.98 -7.97 16.55
CA PRO C 69 -38.53 -7.86 16.35
C PRO C 69 -38.02 -7.66 14.93
N SER C 70 -38.86 -7.26 13.96
CA SER C 70 -38.35 -6.95 12.62
C SER C 70 -37.49 -5.68 12.66
N SER C 71 -37.77 -4.77 13.61
CA SER C 71 -37.00 -3.54 13.78
C SER C 71 -36.24 -3.64 15.09
N PRO C 72 -35.10 -2.98 15.20
CA PRO C 72 -34.38 -3.01 16.49
C PRO C 72 -35.06 -2.05 17.48
N PRO C 73 -34.88 -2.27 18.79
CA PRO C 73 -35.35 -1.23 19.72
C PRO C 73 -34.41 -0.02 19.61
N LYS C 74 -34.94 1.16 19.98
CA LYS C 74 -34.10 2.35 20.08
C LYS C 74 -33.62 2.33 21.52
N CYS C 75 -32.30 2.36 21.72
CA CYS C 75 -31.72 2.33 23.05
C CYS C 75 -31.16 3.68 23.38
N LYS C 76 -31.58 4.27 24.50
CA LYS C 76 -31.17 5.62 24.86
C LYS C 76 -30.77 5.74 26.30
N PHE C 77 -29.52 6.09 26.56
CA PHE C 77 -29.05 6.33 27.93
C PHE C 77 -29.73 7.59 28.49
N GLU C 78 -30.31 7.48 29.68
CA GLU C 78 -30.97 8.57 30.36
C GLU C 78 -30.42 8.70 31.77
N PRO C 79 -29.70 9.79 32.08
CA PRO C 79 -29.36 10.92 31.19
C PRO C 79 -28.25 10.56 30.16
N PRO C 80 -27.95 11.44 29.18
CA PRO C 80 -26.94 11.12 28.17
C PRO C 80 -25.57 10.69 28.71
N LEU C 81 -24.99 9.69 28.08
CA LEU C 81 -23.71 9.13 28.46
C LEU C 81 -22.57 9.68 27.62
N PHE C 82 -21.40 9.76 28.24
CA PHE C 82 -20.16 10.17 27.62
C PHE C 82 -19.56 8.86 27.12
N HIS C 83 -19.59 8.66 25.80
CA HIS C 83 -19.06 7.47 25.13
C HIS C 83 -18.95 7.79 23.65
N PRO C 84 -17.83 7.45 23.00
CA PRO C 84 -17.68 7.79 21.58
C PRO C 84 -18.81 7.36 20.64
N ASN C 85 -19.56 6.30 20.97
CA ASN C 85 -20.62 5.80 20.10
C ASN C 85 -22.04 6.05 20.60
N VAL C 86 -22.21 6.98 21.52
CA VAL C 86 -23.52 7.35 22.02
C VAL C 86 -23.75 8.78 21.54
N TYR C 87 -24.83 9.02 20.78
CA TYR C 87 -25.15 10.36 20.28
C TYR C 87 -25.32 11.35 21.46
N PRO C 88 -25.18 12.69 21.25
CA PRO C 88 -25.38 13.61 22.37
C PRO C 88 -26.75 13.48 23.05
N SER C 89 -27.78 13.08 22.31
CA SER C 89 -29.13 12.81 22.84
C SER C 89 -29.16 11.65 23.85
N GLY C 90 -28.21 10.76 23.76
CA GLY C 90 -28.14 9.57 24.59
C GLY C 90 -28.39 8.30 23.80
N THR C 91 -28.89 8.39 22.56
CA THR C 91 -29.15 7.23 21.72
C THR C 91 -27.86 6.43 21.46
N VAL C 92 -27.91 5.12 21.68
CA VAL C 92 -26.75 4.26 21.46
C VAL C 92 -26.67 3.92 19.97
N CYS C 93 -25.49 4.10 19.38
CA CYS C 93 -25.31 3.69 17.99
C CYS C 93 -24.41 2.45 18.00
N LEU C 94 -25.01 1.37 17.64
CA LEU C 94 -24.43 0.05 17.57
C LEU C 94 -25.00 -0.48 16.25
N SER C 95 -24.16 -1.08 15.37
CA SER C 95 -24.66 -1.50 14.05
C SER C 95 -25.85 -2.44 14.12
N ILE C 96 -25.91 -3.30 15.13
CA ILE C 96 -27.03 -4.21 15.30
C ILE C 96 -28.35 -3.44 15.63
N LEU C 97 -28.25 -2.17 16.06
CA LEU C 97 -29.44 -1.37 16.36
C LEU C 97 -29.93 -0.55 15.16
N GLU C 98 -29.53 -0.92 13.93
CA GLU C 98 -29.97 -0.22 12.72
C GLU C 98 -30.60 -1.26 11.80
N GLU C 99 -31.87 -1.09 11.44
CA GLU C 99 -32.64 -2.04 10.64
C GLU C 99 -31.99 -2.43 9.30
N ASP C 100 -31.67 -1.45 8.44
CA ASP C 100 -31.06 -1.73 7.15
C ASP C 100 -29.65 -2.31 7.24
N LYS C 101 -29.00 -2.26 8.43
CA LYS C 101 -27.63 -2.75 8.64
C LYS C 101 -27.57 -4.15 9.36
N ASP C 102 -27.10 -4.27 10.62
CA ASP C 102 -26.92 -5.56 11.29
C ASP C 102 -28.01 -6.03 12.24
N TRP C 103 -29.22 -5.43 12.22
CA TRP C 103 -30.27 -5.92 13.10
C TRP C 103 -30.78 -7.26 12.56
N ARG C 104 -31.02 -8.20 13.46
CA ARG C 104 -31.59 -9.49 13.11
C ARG C 104 -32.66 -9.77 14.15
N PRO C 105 -33.85 -10.22 13.71
CA PRO C 105 -34.93 -10.50 14.67
C PRO C 105 -34.58 -11.54 15.71
N ALA C 106 -33.60 -12.43 15.44
CA ALA C 106 -33.19 -13.41 16.45
C ALA C 106 -32.53 -12.75 17.68
N ILE C 107 -32.04 -11.50 17.54
CA ILE C 107 -31.38 -10.82 18.66
C ILE C 107 -32.35 -10.49 19.75
N THR C 108 -32.00 -10.79 21.00
CA THR C 108 -32.88 -10.56 22.15
C THR C 108 -32.43 -9.35 22.99
N ILE C 109 -33.29 -8.90 23.95
CA ILE C 109 -32.99 -7.82 24.85
C ILE C 109 -31.72 -8.19 25.69
N LYS C 110 -31.64 -9.42 26.17
CA LYS C 110 -30.48 -9.87 26.95
C LYS C 110 -29.18 -9.68 26.15
N GLN C 111 -29.19 -10.06 24.86
CA GLN C 111 -28.02 -9.91 24.00
C GLN C 111 -27.70 -8.42 23.77
N ILE C 112 -28.72 -7.59 23.55
CA ILE C 112 -28.53 -6.15 23.38
C ILE C 112 -27.84 -5.52 24.61
N LEU C 113 -28.34 -5.81 25.80
CA LEU C 113 -27.81 -5.25 27.03
C LEU C 113 -26.39 -5.72 27.30
N LEU C 114 -26.13 -7.00 27.08
CA LEU C 114 -24.81 -7.54 27.23
C LEU C 114 -23.84 -6.92 26.18
N GLY C 115 -24.34 -6.63 24.99
CA GLY C 115 -23.57 -6.05 23.91
C GLY C 115 -23.25 -4.60 24.17
N ILE C 116 -24.21 -3.86 24.77
CA ILE C 116 -24.00 -2.47 25.12
C ILE C 116 -22.99 -2.40 26.25
N GLN C 117 -22.99 -3.37 27.20
CA GLN C 117 -21.97 -3.39 28.25
C GLN C 117 -20.57 -3.55 27.64
N GLU C 118 -20.45 -4.46 26.65
CA GLU C 118 -19.19 -4.69 25.93
C GLU C 118 -18.76 -3.43 25.19
N LEU C 119 -19.73 -2.73 24.56
CA LEU C 119 -19.48 -1.49 23.83
C LEU C 119 -18.86 -0.42 24.71
N LEU C 120 -19.27 -0.33 26.01
CA LEU C 120 -18.72 0.65 26.94
C LEU C 120 -17.19 0.72 26.94
N ASN C 121 -16.51 -0.42 27.12
CA ASN C 121 -15.05 -0.40 27.12
C ASN C 121 -14.44 -0.78 25.76
N GLU C 122 -15.25 -0.96 24.71
CA GLU C 122 -14.75 -1.29 23.36
C GLU C 122 -15.38 -0.36 22.30
N PRO C 123 -15.14 0.97 22.37
CA PRO C 123 -15.76 1.88 21.39
C PRO C 123 -15.18 1.71 19.98
N ASN C 124 -15.95 2.13 19.00
CA ASN C 124 -15.52 2.11 17.62
C ASN C 124 -15.20 3.54 17.16
N ILE C 125 -13.91 3.87 17.07
CA ILE C 125 -13.50 5.22 16.65
C ILE C 125 -13.68 5.51 15.16
N GLN C 126 -13.93 4.49 14.34
CA GLN C 126 -14.09 4.65 12.90
C GLN C 126 -15.33 5.47 12.60
N ASP C 127 -16.43 5.18 13.30
CA ASP C 127 -17.67 5.92 13.13
C ASP C 127 -18.14 6.42 14.49
N PRO C 128 -17.65 7.57 14.96
CA PRO C 128 -18.13 8.10 16.23
C PRO C 128 -19.49 8.79 16.10
N ALA C 129 -20.29 8.80 17.20
CA ALA C 129 -21.61 9.42 17.26
C ALA C 129 -21.61 10.80 17.97
N GLN C 130 -20.60 11.08 18.80
CA GLN C 130 -20.53 12.36 19.49
C GLN C 130 -19.15 12.97 19.38
N ALA C 131 -19.08 14.28 19.19
CA ALA C 131 -17.81 14.96 19.07
C ALA C 131 -17.05 14.97 20.41
N GLU C 132 -17.75 15.22 21.53
CA GLU C 132 -17.12 15.33 22.85
C GLU C 132 -16.26 14.11 23.29
N ALA C 133 -16.84 12.91 23.47
CA ALA C 133 -16.09 11.75 23.94
C ALA C 133 -15.11 11.23 22.94
N TYR C 134 -15.43 11.32 21.65
CA TYR C 134 -14.50 10.86 20.63
C TYR C 134 -13.26 11.75 20.61
N THR C 135 -13.45 13.08 20.63
CA THR C 135 -12.35 14.04 20.60
C THR C 135 -11.39 13.83 21.74
N ILE C 136 -11.91 13.51 22.93
CA ILE C 136 -11.03 13.31 24.08
C ILE C 136 -10.29 11.98 23.95
N TYR C 137 -10.98 10.94 23.52
CA TYR C 137 -10.40 9.61 23.28
C TYR C 137 -9.27 9.69 22.26
N ALA C 138 -9.45 10.51 21.21
CA ALA C 138 -8.50 10.66 20.12
C ALA C 138 -7.27 11.46 20.47
N GLN C 139 -7.38 12.42 21.41
CA GLN C 139 -6.24 13.26 21.77
C GLN C 139 -5.48 12.72 22.98
N ASN C 140 -6.21 12.37 24.03
CA ASN C 140 -5.62 11.97 25.28
C ASN C 140 -6.40 10.86 25.96
N ARG C 141 -5.95 9.61 25.79
CA ARG C 141 -6.58 8.45 26.42
C ARG C 141 -6.51 8.49 27.95
N VAL C 142 -5.54 9.22 28.53
CA VAL C 142 -5.44 9.35 29.98
C VAL C 142 -6.62 10.18 30.48
N GLU C 143 -6.89 11.32 29.81
CA GLU C 143 -8.02 12.20 30.13
C GLU C 143 -9.35 11.53 29.82
N TYR C 144 -9.40 10.73 28.73
CA TYR C 144 -10.62 10.01 28.37
C TYR C 144 -11.00 9.03 29.48
N GLU C 145 -10.03 8.27 29.99
CA GLU C 145 -10.27 7.31 31.07
C GLU C 145 -10.58 8.02 32.38
N LYS C 146 -10.02 9.20 32.61
CA LYS C 146 -10.31 10.00 33.80
C LYS C 146 -11.78 10.43 33.74
N ARG C 147 -12.26 10.86 32.57
CA ARG C 147 -13.64 11.26 32.33
C ARG C 147 -14.58 10.08 32.52
N VAL C 148 -14.17 8.88 32.06
CA VAL C 148 -14.96 7.67 32.20
C VAL C 148 -15.17 7.32 33.69
N ARG C 149 -14.07 7.33 34.50
CA ARG C 149 -14.13 7.04 35.95
C ARG C 149 -15.00 8.04 36.69
N ALA C 150 -14.85 9.34 36.37
CA ALA C 150 -15.65 10.39 36.99
C ALA C 150 -17.14 10.18 36.73
N GLN C 151 -17.49 9.72 35.52
CA GLN C 151 -18.86 9.45 35.13
C GLN C 151 -19.39 8.18 35.83
N ALA C 152 -18.53 7.18 36.02
CA ALA C 152 -18.92 5.95 36.72
C ALA C 152 -19.23 6.27 38.21
N LYS C 153 -18.47 7.18 38.81
CA LYS C 153 -18.73 7.61 40.19
C LYS C 153 -20.01 8.44 40.27
N LYS C 154 -20.27 9.27 39.24
CA LYS C 154 -21.47 10.09 39.13
C LYS C 154 -22.72 9.20 38.99
N PHE C 155 -22.59 8.05 38.33
CA PHE C 155 -23.73 7.14 38.15
C PHE C 155 -23.69 5.93 39.10
N ALA C 156 -22.95 6.02 40.21
CA ALA C 156 -22.86 4.92 41.16
C ALA C 156 -24.20 4.73 41.83
N PRO C 157 -24.66 3.48 41.97
CA PRO C 157 -25.96 3.26 42.63
C PRO C 157 -25.92 3.48 44.14
N ALA D 5 -14.77 -23.89 -14.41
CA ALA D 5 -13.77 -23.31 -13.51
C ALA D 5 -14.14 -23.59 -12.10
N LEU D 6 -15.42 -23.46 -11.74
CA LEU D 6 -15.90 -23.71 -10.39
C LEU D 6 -15.65 -25.14 -9.92
N SER D 7 -15.94 -26.18 -10.75
CA SER D 7 -15.69 -27.56 -10.32
C SER D 7 -14.19 -27.79 -10.09
N ARG D 8 -13.33 -27.30 -10.98
CA ARG D 8 -11.90 -27.46 -10.86
C ARG D 8 -11.36 -26.67 -9.66
N LEU D 9 -11.85 -25.44 -9.47
CA LEU D 9 -11.41 -24.60 -8.35
C LEU D 9 -11.87 -25.15 -6.98
N ALA D 10 -13.05 -25.78 -6.95
CA ALA D 10 -13.56 -26.39 -5.70
C ALA D 10 -12.76 -27.66 -5.42
N GLN D 11 -12.34 -28.41 -6.46
CA GLN D 11 -11.51 -29.61 -6.35
C GLN D 11 -10.15 -29.22 -5.77
N GLU D 12 -9.56 -28.13 -6.27
CA GLU D 12 -8.29 -27.66 -5.75
C GLU D 12 -8.40 -27.10 -4.35
N ARG D 13 -9.52 -26.40 -4.00
CA ARG D 13 -9.73 -25.89 -2.63
C ARG D 13 -9.84 -27.08 -1.67
N LYS D 14 -10.60 -28.11 -2.04
CA LYS D 14 -10.78 -29.31 -1.22
C LYS D 14 -9.41 -29.99 -0.99
N ALA D 15 -8.61 -30.10 -2.06
CA ALA D 15 -7.30 -30.72 -2.01
C ALA D 15 -6.33 -29.88 -1.16
N TRP D 16 -6.41 -28.54 -1.26
CA TRP D 16 -5.59 -27.63 -0.51
C TRP D 16 -5.88 -27.80 0.99
N ARG D 17 -7.16 -27.81 1.39
CA ARG D 17 -7.54 -28.00 2.79
C ARG D 17 -7.04 -29.32 3.34
N LYS D 18 -7.15 -30.39 2.52
CA LYS D 18 -6.71 -31.72 2.92
C LYS D 18 -5.17 -31.80 3.12
N ASP D 19 -4.42 -31.10 2.27
CA ASP D 19 -2.96 -31.11 2.34
C ASP D 19 -2.37 -30.04 1.47
N HIS D 20 -1.48 -29.24 2.03
CA HIS D 20 -0.80 -28.18 1.30
C HIS D 20 0.61 -27.96 1.85
N PRO D 21 1.52 -27.30 1.10
CA PRO D 21 2.87 -27.07 1.63
C PRO D 21 2.82 -26.22 2.91
N PHE D 22 3.69 -26.55 3.88
CA PHE D 22 3.75 -25.88 5.17
C PHE D 22 4.08 -24.39 4.98
N GLY D 23 3.40 -23.51 5.72
CA GLY D 23 3.66 -22.08 5.64
C GLY D 23 2.94 -21.34 4.53
N PHE D 24 2.35 -22.08 3.59
CA PHE D 24 1.60 -21.51 2.47
C PHE D 24 0.12 -21.34 2.86
N VAL D 25 -0.51 -20.33 2.28
CA VAL D 25 -1.90 -20.04 2.54
C VAL D 25 -2.58 -19.84 1.17
N ALA D 26 -3.77 -20.38 0.97
CA ALA D 26 -4.55 -20.21 -0.26
C ALA D 26 -6.03 -20.32 0.13
N VAL D 27 -6.75 -19.19 0.15
CA VAL D 27 -8.13 -19.16 0.61
C VAL D 27 -9.00 -18.36 -0.34
N PRO D 28 -10.09 -18.97 -0.84
CA PRO D 28 -11.05 -18.19 -1.64
C PRO D 28 -11.62 -17.01 -0.84
N THR D 29 -11.89 -15.88 -1.49
CA THR D 29 -12.54 -14.73 -0.81
C THR D 29 -14.10 -14.96 -0.82
N LYS D 30 -14.94 -13.91 -0.59
CA LYS D 30 -16.40 -14.06 -0.68
C LYS D 30 -17.01 -13.22 -1.80
N ASN D 31 -18.11 -13.70 -2.39
CA ASN D 31 -18.86 -12.98 -3.40
C ASN D 31 -19.87 -12.05 -2.71
N PRO D 32 -20.40 -11.01 -3.39
CA PRO D 32 -21.36 -10.13 -2.75
C PRO D 32 -22.59 -10.84 -2.14
N ASP D 33 -22.93 -12.03 -2.61
CA ASP D 33 -24.07 -12.79 -2.14
C ASP D 33 -23.79 -13.76 -0.98
N GLY D 34 -22.58 -13.76 -0.46
CA GLY D 34 -22.23 -14.66 0.64
C GLY D 34 -21.54 -15.95 0.24
N THR D 35 -21.67 -16.36 -1.03
CA THR D 35 -21.00 -17.59 -1.50
C THR D 35 -19.50 -17.41 -1.57
N MET D 36 -18.74 -18.51 -1.58
CA MET D 36 -17.29 -18.40 -1.70
C MET D 36 -16.93 -18.03 -3.10
N ASN D 37 -16.04 -17.06 -3.23
CA ASN D 37 -15.54 -16.61 -4.50
C ASN D 37 -14.36 -17.45 -4.85
N LEU D 38 -14.64 -18.54 -5.56
CA LEU D 38 -13.60 -19.42 -6.03
C LEU D 38 -12.71 -18.79 -7.12
N MET D 39 -13.13 -17.66 -7.70
N MET D 39 -13.13 -17.66 -7.71
CA MET D 39 -12.37 -16.98 -8.74
CA MET D 39 -12.34 -17.00 -8.74
C MET D 39 -11.37 -15.95 -8.20
C MET D 39 -11.36 -15.94 -8.20
N ASN D 40 -11.25 -15.80 -6.87
CA ASN D 40 -10.38 -14.81 -6.27
C ASN D 40 -9.87 -15.34 -4.94
N TRP D 41 -8.61 -15.74 -4.87
CA TRP D 41 -8.03 -16.31 -3.66
C TRP D 41 -6.94 -15.44 -3.03
N GLU D 42 -6.99 -15.29 -1.71
CA GLU D 42 -5.96 -14.59 -0.97
C GLU D 42 -4.96 -15.67 -0.53
N CYS D 43 -3.74 -15.58 -1.08
CA CYS D 43 -2.66 -16.52 -0.87
C CYS D 43 -1.48 -15.86 -0.15
N ALA D 44 -0.59 -16.70 0.36
CA ALA D 44 0.63 -16.24 0.99
C ALA D 44 1.73 -17.27 0.73
N ILE D 45 2.91 -16.79 0.34
CA ILE D 45 4.07 -17.64 0.08
C ILE D 45 5.18 -17.31 1.06
N PRO D 46 5.66 -18.28 1.81
CA PRO D 46 6.76 -18.00 2.73
C PRO D 46 8.07 -17.92 1.94
N GLY D 47 9.00 -17.08 2.40
CA GLY D 47 10.32 -17.02 1.77
C GLY D 47 11.01 -18.35 2.01
N ALA D 48 11.72 -18.88 0.99
CA ALA D 48 12.36 -20.18 1.12
C ALA D 48 13.46 -20.17 2.15
N ALA D 49 13.56 -21.24 2.93
CA ALA D 49 14.63 -21.35 3.93
C ALA D 49 15.99 -21.41 3.22
N GLY D 50 16.98 -20.78 3.80
CA GLY D 50 18.33 -20.74 3.22
C GLY D 50 18.47 -19.75 2.08
N THR D 51 17.55 -18.79 1.98
CA THR D 51 17.63 -17.74 0.96
C THR D 51 17.42 -16.39 1.65
N PRO D 52 17.85 -15.27 1.03
CA PRO D 52 17.60 -13.96 1.64
C PRO D 52 16.11 -13.62 1.84
N TRP D 53 15.21 -14.40 1.24
CA TRP D 53 13.76 -14.20 1.36
C TRP D 53 13.17 -14.80 2.63
N ALA D 54 13.91 -15.66 3.33
CA ALA D 54 13.43 -16.34 4.54
C ALA D 54 12.95 -15.43 5.64
N GLY D 55 11.87 -15.84 6.28
CA GLY D 55 11.23 -15.07 7.33
C GLY D 55 10.05 -14.24 6.87
N GLY D 56 10.04 -13.88 5.59
CA GLY D 56 8.91 -13.11 5.03
C GLY D 56 7.75 -13.98 4.61
N LEU D 57 6.52 -13.47 4.72
CA LEU D 57 5.35 -14.19 4.25
C LEU D 57 4.72 -13.24 3.25
N PHE D 58 4.93 -13.56 1.98
CA PHE D 58 4.59 -12.71 0.86
C PHE D 58 3.17 -12.96 0.36
N LYS D 59 2.31 -12.02 0.67
CA LYS D 59 0.91 -12.12 0.32
C LYS D 59 0.66 -11.82 -1.15
N LEU D 60 -0.18 -12.65 -1.78
CA LEU D 60 -0.55 -12.43 -3.18
C LEU D 60 -1.96 -12.92 -3.49
N ARG D 61 -2.59 -12.32 -4.48
CA ARG D 61 -3.94 -12.67 -4.86
C ARG D 61 -3.91 -13.46 -6.17
N MET D 62 -4.73 -14.52 -6.28
CA MET D 62 -4.83 -15.28 -7.52
C MET D 62 -6.23 -15.02 -8.08
N LEU D 63 -6.30 -14.47 -9.28
CA LEU D 63 -7.57 -14.14 -9.94
C LEU D 63 -7.76 -15.11 -11.11
N PHE D 64 -8.86 -15.84 -11.08
CA PHE D 64 -9.17 -16.83 -12.11
C PHE D 64 -10.28 -16.36 -13.03
N LYS D 65 -10.12 -16.55 -14.34
CA LYS D 65 -11.14 -16.20 -15.31
C LYS D 65 -12.14 -17.35 -15.42
N ASP D 66 -13.32 -17.09 -16.02
CA ASP D 66 -14.38 -18.07 -16.23
C ASP D 66 -13.92 -19.33 -16.94
N ASP D 67 -12.91 -19.22 -17.81
CA ASP D 67 -12.45 -20.38 -18.55
C ASP D 67 -11.23 -21.07 -17.95
N TYR D 68 -10.92 -20.84 -16.66
CA TYR D 68 -9.83 -21.55 -15.98
C TYR D 68 -10.25 -23.03 -15.90
N PRO D 69 -9.36 -24.02 -16.16
CA PRO D 69 -7.92 -23.89 -16.36
C PRO D 69 -7.41 -23.73 -17.79
N SER D 70 -8.25 -23.34 -18.78
CA SER D 70 -7.73 -23.04 -20.12
C SER D 70 -6.88 -21.76 -20.08
N SER D 71 -7.15 -20.85 -19.17
CA SER D 71 -6.39 -19.62 -19.00
C SER D 71 -5.63 -19.69 -17.69
N PRO D 72 -4.48 -19.01 -17.57
CA PRO D 72 -3.77 -19.03 -16.29
C PRO D 72 -4.44 -18.05 -15.32
N PRO D 73 -4.25 -18.23 -14.01
CA PRO D 73 -4.71 -17.18 -13.10
C PRO D 73 -3.76 -15.97 -13.23
N LYS D 74 -4.27 -14.80 -12.86
CA LYS D 74 -3.43 -13.61 -12.77
C LYS D 74 -2.97 -13.58 -11.32
N CYS D 75 -1.67 -13.55 -11.09
CA CYS D 75 -1.10 -13.56 -9.76
C CYS D 75 -0.52 -12.21 -9.44
N LYS D 76 -0.91 -11.62 -8.32
CA LYS D 76 -0.46 -10.27 -7.96
C LYS D 76 -0.09 -10.15 -6.49
N PHE D 77 1.19 -9.82 -6.20
CA PHE D 77 1.64 -9.58 -4.84
C PHE D 77 1.01 -8.32 -4.29
N GLU D 78 0.44 -8.42 -3.07
CA GLU D 78 -0.20 -7.28 -2.42
C GLU D 78 0.37 -7.14 -1.01
N PRO D 79 1.10 -6.04 -0.73
CA PRO D 79 1.46 -4.95 -1.64
C PRO D 79 2.55 -5.35 -2.67
N PRO D 80 2.88 -4.48 -3.65
CA PRO D 80 3.89 -4.85 -4.66
C PRO D 80 5.24 -5.28 -4.05
N LEU D 81 5.82 -6.31 -4.67
CA LEU D 81 7.08 -6.89 -4.22
C LEU D 81 8.27 -6.35 -5.05
N PHE D 82 9.43 -6.27 -4.41
CA PHE D 82 10.70 -5.90 -4.99
C PHE D 82 11.28 -7.22 -5.47
N HIS D 83 11.23 -7.46 -6.78
CA HIS D 83 11.75 -8.66 -7.44
C HIS D 83 11.88 -8.35 -8.93
N PRO D 84 13.00 -8.66 -9.60
CA PRO D 84 13.13 -8.31 -11.02
C PRO D 84 11.97 -8.74 -11.93
N ASN D 85 11.26 -9.85 -11.60
CA ASN D 85 10.21 -10.34 -12.46
C ASN D 85 8.79 -10.07 -11.98
N VAL D 86 8.61 -9.11 -11.07
CA VAL D 86 7.31 -8.71 -10.60
C VAL D 86 7.12 -7.28 -11.09
N TYR D 87 6.05 -7.03 -11.89
CA TYR D 87 5.78 -5.69 -12.42
C TYR D 87 5.59 -4.68 -11.25
N PRO D 88 5.78 -3.35 -11.48
CA PRO D 88 5.53 -2.40 -10.39
C PRO D 88 4.14 -2.53 -9.76
N SER D 89 3.12 -2.93 -10.55
CA SER D 89 1.75 -3.16 -10.03
C SER D 89 1.67 -4.31 -9.00
N GLY D 90 2.61 -5.21 -9.07
CA GLY D 90 2.65 -6.39 -8.21
C GLY D 90 2.41 -7.67 -8.99
N THR D 91 1.96 -7.58 -10.23
CA THR D 91 1.68 -8.73 -11.07
C THR D 91 2.96 -9.56 -11.29
N VAL D 92 2.87 -10.87 -11.05
CA VAL D 92 4.00 -11.76 -11.24
C VAL D 92 4.12 -12.10 -12.70
N CYS D 93 5.33 -11.94 -13.27
CA CYS D 93 5.53 -12.37 -14.66
C CYS D 93 6.35 -13.64 -14.61
N LEU D 94 5.71 -14.70 -15.01
CA LEU D 94 6.25 -16.04 -15.09
C LEU D 94 5.67 -16.53 -16.42
N SER D 95 6.50 -17.16 -17.30
CA SER D 95 6.00 -17.57 -18.63
C SER D 95 4.80 -18.52 -18.55
N ILE D 96 4.75 -19.38 -17.52
CA ILE D 96 3.59 -20.27 -17.36
C ILE D 96 2.29 -19.47 -17.05
N LEU D 97 2.38 -18.20 -16.65
CA LEU D 97 1.22 -17.38 -16.38
C LEU D 97 0.73 -16.59 -17.60
N GLU D 98 1.15 -16.98 -18.82
CA GLU D 98 0.70 -16.31 -20.03
C GLU D 98 0.09 -17.36 -20.98
N GLU D 99 -1.21 -17.20 -21.32
CA GLU D 99 -1.99 -18.16 -22.11
C GLU D 99 -1.32 -18.58 -23.42
N ASP D 100 -0.92 -17.60 -24.25
CA ASP D 100 -0.25 -17.90 -25.50
C ASP D 100 1.18 -18.45 -25.31
N LYS D 101 1.75 -18.34 -24.10
CA LYS D 101 3.10 -18.79 -23.86
C LYS D 101 3.15 -20.21 -23.23
N ASP D 102 3.58 -20.38 -21.98
CA ASP D 102 3.75 -21.68 -21.33
C ASP D 102 2.64 -22.15 -20.40
N TRP D 103 1.44 -21.52 -20.44
CA TRP D 103 0.37 -22.01 -19.56
C TRP D 103 -0.12 -23.36 -20.07
N ARG D 104 -0.38 -24.28 -19.15
CA ARG D 104 -0.96 -25.56 -19.50
C ARG D 104 -2.06 -25.83 -18.47
N PRO D 105 -3.24 -26.27 -18.92
CA PRO D 105 -4.33 -26.55 -17.97
C PRO D 105 -3.99 -27.58 -16.92
N ALA D 106 -3.01 -28.47 -17.16
CA ALA D 106 -2.62 -29.44 -16.14
C ALA D 106 -1.96 -28.78 -14.92
N ILE D 107 -1.49 -27.52 -15.04
CA ILE D 107 -0.83 -26.83 -13.94
C ILE D 107 -1.83 -26.48 -12.86
N THR D 108 -1.52 -26.75 -11.60
CA THR D 108 -2.44 -26.50 -10.49
C THR D 108 -2.00 -25.27 -9.65
N ILE D 109 -2.87 -24.80 -8.74
CA ILE D 109 -2.61 -23.71 -7.81
C ILE D 109 -1.37 -24.08 -6.96
N LYS D 110 -1.33 -25.32 -6.43
CA LYS D 110 -0.19 -25.75 -5.62
C LYS D 110 1.14 -25.60 -6.41
N GLN D 111 1.15 -25.99 -7.69
CA GLN D 111 2.34 -25.87 -8.53
C GLN D 111 2.68 -24.39 -8.79
N ILE D 112 1.67 -23.55 -8.97
CA ILE D 112 1.90 -22.11 -9.21
C ILE D 112 2.57 -21.49 -8.00
N LEU D 113 2.04 -21.76 -6.81
CA LEU D 113 2.57 -21.19 -5.58
C LEU D 113 3.97 -21.67 -5.28
N LEU D 114 4.19 -22.96 -5.48
CA LEU D 114 5.53 -23.53 -5.30
C LEU D 114 6.51 -22.94 -6.36
N GLY D 115 6.03 -22.68 -7.56
CA GLY D 115 6.84 -22.13 -8.64
C GLY D 115 7.18 -20.66 -8.40
N ILE D 116 6.23 -19.91 -7.84
CA ILE D 116 6.47 -18.50 -7.50
C ILE D 116 7.47 -18.44 -6.35
N GLN D 117 7.43 -19.40 -5.39
CA GLN D 117 8.43 -19.43 -4.33
C GLN D 117 9.82 -19.62 -4.91
N GLU D 118 9.94 -20.52 -5.91
CA GLU D 118 11.21 -20.79 -6.60
C GLU D 118 11.66 -19.54 -7.35
N LEU D 119 10.73 -18.82 -7.98
CA LEU D 119 11.03 -17.61 -8.73
C LEU D 119 11.68 -16.55 -7.85
N LEU D 120 11.26 -16.45 -6.56
CA LEU D 120 11.82 -15.48 -5.61
C LEU D 120 13.34 -15.46 -5.58
N ASN D 121 13.98 -16.62 -5.40
CA ASN D 121 15.44 -16.64 -5.39
C ASN D 121 16.08 -17.05 -6.73
N GLU D 122 15.29 -17.19 -7.79
CA GLU D 122 15.79 -17.55 -9.13
C GLU D 122 15.21 -16.57 -10.20
N PRO D 123 15.49 -15.26 -10.09
CA PRO D 123 14.95 -14.33 -11.09
C PRO D 123 15.57 -14.52 -12.47
N ASN D 124 14.83 -14.12 -13.49
CA ASN D 124 15.31 -14.16 -14.85
C ASN D 124 15.65 -12.74 -15.30
N ILE D 125 16.95 -12.41 -15.35
CA ILE D 125 17.39 -11.07 -15.76
C ILE D 125 17.25 -10.78 -17.23
N GLN D 126 17.02 -11.81 -18.08
CA GLN D 126 16.90 -11.62 -19.51
C GLN D 126 15.70 -10.77 -19.83
N ASP D 127 14.57 -11.04 -19.17
CA ASP D 127 13.33 -10.30 -19.37
C ASP D 127 12.82 -9.80 -18.02
N PRO D 128 13.33 -8.66 -17.53
CA PRO D 128 12.83 -8.11 -16.26
C PRO D 128 11.50 -7.37 -16.43
N ALA D 129 10.69 -7.35 -15.37
CA ALA D 129 9.38 -6.69 -15.30
C ALA D 129 9.39 -5.33 -14.59
N GLN D 130 10.40 -5.06 -13.76
CA GLN D 130 10.49 -3.77 -13.08
C GLN D 130 11.88 -3.19 -13.19
N ALA D 131 11.97 -1.88 -13.37
CA ALA D 131 13.26 -1.22 -13.48
C ALA D 131 14.02 -1.23 -12.16
N GLU D 132 13.33 -0.98 -11.04
CA GLU D 132 13.94 -0.88 -9.71
C GLU D 132 14.76 -2.10 -9.26
N ALA D 133 14.14 -3.28 -9.08
CA ALA D 133 14.88 -4.43 -8.57
C ALA D 133 15.88 -5.00 -9.57
N TYR D 134 15.56 -4.91 -10.86
CA TYR D 134 16.48 -5.40 -11.87
C TYR D 134 17.75 -4.52 -11.88
N THR D 135 17.58 -3.20 -11.85
CA THR D 135 18.71 -2.28 -11.90
C THR D 135 19.69 -2.50 -10.77
N ILE D 136 19.17 -2.79 -9.58
CA ILE D 136 20.03 -3.02 -8.43
C ILE D 136 20.74 -4.34 -8.60
N TYR D 137 19.98 -5.39 -8.94
CA TYR D 137 20.52 -6.72 -9.17
C TYR D 137 21.67 -6.70 -10.19
N ALA D 138 21.52 -5.87 -11.22
CA ALA D 138 22.47 -5.78 -12.32
C ALA D 138 23.76 -5.09 -12.01
N GLN D 139 23.77 -4.06 -11.14
CA GLN D 139 25.04 -3.38 -10.87
C GLN D 139 25.64 -3.74 -9.51
N ASN D 140 24.81 -4.07 -8.50
CA ASN D 140 25.34 -4.42 -7.17
C ASN D 140 24.54 -5.52 -6.50
N ARG D 141 24.99 -6.78 -6.65
CA ARG D 141 24.33 -7.93 -6.04
C ARG D 141 24.33 -7.87 -4.51
N VAL D 142 25.29 -7.16 -3.90
CA VAL D 142 25.34 -7.03 -2.45
C VAL D 142 24.16 -6.19 -2.00
N GLU D 143 23.95 -5.02 -2.65
CA GLU D 143 22.82 -4.13 -2.35
C GLU D 143 21.49 -4.80 -2.64
N TYR D 144 21.45 -5.65 -3.67
CA TYR D 144 20.26 -6.39 -4.02
C TYR D 144 19.88 -7.36 -2.89
N GLU D 145 20.88 -8.07 -2.33
CA GLU D 145 20.57 -9.02 -1.24
C GLU D 145 20.14 -8.32 0.04
N LYS D 146 20.70 -7.12 0.29
CA LYS D 146 20.31 -6.36 1.45
C LYS D 146 18.88 -5.82 1.29
N ARG D 147 18.50 -5.40 0.09
CA ARG D 147 17.14 -4.95 -0.16
C ARG D 147 16.13 -6.10 0.01
N VAL D 148 16.52 -7.33 -0.41
CA VAL D 148 15.65 -8.52 -0.29
C VAL D 148 15.39 -8.81 1.18
N ARG D 149 16.47 -8.85 2.01
CA ARG D 149 16.38 -9.14 3.44
C ARG D 149 15.53 -8.10 4.15
N ALA D 150 15.71 -6.82 3.82
CA ALA D 150 14.93 -5.74 4.43
C ALA D 150 13.44 -5.90 4.13
N GLN D 151 13.12 -6.38 2.93
CA GLN D 151 11.74 -6.62 2.52
C GLN D 151 11.17 -7.87 3.22
N ALA D 152 11.99 -8.90 3.44
CA ALA D 152 11.57 -10.11 4.14
C ALA D 152 11.24 -9.78 5.61
N LYS D 153 12.01 -8.89 6.23
CA LYS D 153 11.76 -8.44 7.60
C LYS D 153 10.50 -7.58 7.64
N LYS D 154 10.28 -6.75 6.62
CA LYS D 154 9.10 -5.90 6.49
C LYS D 154 7.83 -6.75 6.32
N PHE D 155 7.93 -7.92 5.67
CA PHE D 155 6.77 -8.79 5.48
C PHE D 155 6.77 -10.01 6.42
N ALA D 156 7.50 -9.93 7.55
CA ALA D 156 7.55 -11.03 8.50
C ALA D 156 6.20 -11.18 9.15
N PRO D 157 5.68 -12.42 9.28
CA PRO D 157 4.36 -12.59 9.90
C PRO D 157 4.36 -12.36 11.41
C ACE E 1 10.86 19.01 -2.73
O ACE E 1 11.58 18.83 -1.73
CH3 ACE E 1 11.47 19.42 -4.09
N LEU E 2 9.53 18.88 -2.70
CA LEU E 2 8.82 18.44 -1.51
C LEU E 2 8.63 16.96 -1.75
N ARG E 3 9.54 16.12 -1.20
CA ARG E 3 9.51 14.67 -1.40
C ARG E 3 8.26 14.09 -0.78
N LEU E 4 7.15 14.16 -1.52
CA LEU E 4 5.87 13.73 -1.02
C LEU E 4 5.47 12.40 -1.55
N ARG E 5 5.34 11.44 -0.68
CA ARG E 5 4.92 10.10 -1.04
C ARG E 5 4.44 9.45 0.23
N GLY E 6 3.27 8.85 0.16
CA GLY E 6 2.71 8.14 1.30
C GLY E 6 3.61 7.05 1.84
N CYS E 7 3.37 6.64 3.06
CA CYS E 7 4.12 5.58 3.70
C CYS E 7 3.20 4.69 4.54
C ACE F 1 2.16 -5.92 5.28
O ACE F 1 3.00 -5.19 4.71
CH3 ACE F 1 2.31 -7.44 5.27
N ILE F 2 1.09 -5.44 5.90
CA ILE F 2 0.84 -4.00 6.03
C ILE F 2 1.60 -3.47 7.26
N LYS F 3 2.29 -2.32 7.11
CA LYS F 3 3.08 -1.74 8.18
C LYS F 3 2.24 -1.31 9.38
N GLN F 4 2.88 -1.29 10.55
CA GLN F 4 2.21 -0.92 11.80
C GLN F 4 2.78 0.39 12.33
N GLU F 5 1.91 1.17 12.96
CA GLU F 5 2.28 2.46 13.52
C GLU F 5 3.20 2.33 14.73
C ACE G 1 41.67 3.16 -34.84
O ACE G 1 42.35 3.05 -33.81
CH3 ACE G 1 42.34 3.62 -36.18
N LEU G 2 40.36 2.90 -34.89
CA LEU G 2 39.61 2.44 -33.72
C LEU G 2 39.17 1.01 -33.98
N ARG G 3 39.88 0.03 -33.37
CA ARG G 3 39.56 -1.37 -33.61
C ARG G 3 38.23 -1.75 -33.08
N LEU G 4 37.30 -2.03 -33.99
CA LEU G 4 35.97 -2.44 -33.62
C LEU G 4 35.78 -3.94 -33.56
N ARG G 5 36.79 -4.63 -33.05
CA ARG G 5 36.77 -6.08 -32.97
C ARG G 5 36.00 -6.55 -31.75
N GLY G 6 34.83 -7.15 -31.96
CA GLY G 6 34.07 -7.74 -30.85
C GLY G 6 34.82 -8.91 -30.23
N CYS G 7 34.48 -9.26 -28.99
CA CYS G 7 35.11 -10.37 -28.29
C CYS G 7 34.06 -11.20 -27.50
C ACE H 1 33.78 -22.06 -25.56
O ACE H 1 34.86 -21.47 -25.35
CH3 ACE H 1 33.73 -23.60 -25.58
N ILE H 2 32.61 -21.46 -25.80
CA ILE H 2 32.42 -20.00 -25.79
C ILE H 2 33.03 -19.38 -24.54
N LYS H 3 33.66 -18.20 -24.64
CA LYS H 3 34.29 -17.54 -23.50
C LYS H 3 33.30 -17.16 -22.39
N GLN H 4 33.80 -17.09 -21.15
CA GLN H 4 32.94 -16.75 -20.02
C GLN H 4 33.30 -15.40 -19.44
N GLU H 5 32.30 -14.67 -18.92
CA GLU H 5 32.57 -13.36 -18.30
C GLU H 5 33.25 -13.53 -16.94
C ACE I 1 -22.36 -12.78 15.77
O ACE I 1 -23.24 -12.42 14.96
CH3 ACE I 1 -21.52 -14.04 15.50
N LEU I 2 -22.09 -12.11 16.89
CA LEU I 2 -22.81 -10.89 17.25
C LEU I 2 -21.91 -9.69 17.02
N ARG I 3 -22.12 -9.01 15.89
CA ARG I 3 -21.35 -7.86 15.47
C ARG I 3 -21.58 -6.74 16.43
N LEU I 4 -20.69 -6.59 17.40
CA LEU I 4 -20.83 -5.50 18.35
C LEU I 4 -19.86 -4.48 17.87
N ARG I 5 -20.35 -3.63 16.98
CA ARG I 5 -19.58 -2.60 16.31
C ARG I 5 -20.27 -1.28 16.51
N GLY I 6 -19.65 -0.38 17.28
CA GLY I 6 -20.22 0.94 17.49
C GLY I 6 -20.37 1.72 16.19
N CYS I 7 -21.34 2.63 16.15
CA CYS I 7 -21.57 3.47 14.98
C CYS I 7 -21.83 4.93 15.41
C ACE J 1 -18.28 14.06 10.75
O ACE J 1 -17.71 14.93 10.08
CH3 ACE J 1 -18.76 12.73 10.05
N ILE J 2 -18.52 14.23 12.05
CA ILE J 2 -19.21 13.27 12.94
C ILE J 2 -20.67 13.07 12.47
N LYS J 3 -21.16 11.83 12.51
CA LYS J 3 -22.51 11.53 12.03
C LYS J 3 -23.60 12.18 12.89
N GLN J 4 -24.76 12.43 12.29
CA GLN J 4 -25.86 13.07 13.03
C GLN J 4 -27.02 12.09 13.18
N GLU J 5 -27.76 12.21 14.29
CA GLU J 5 -28.88 11.29 14.55
C GLU J 5 -30.06 11.50 13.59
C ACE K 1 9.09 -28.56 -14.76
O ACE K 1 8.93 -28.61 -15.98
CH3 ACE K 1 10.04 -29.39 -14.10
N LEU K 2 8.40 -27.76 -13.95
CA LEU K 2 7.46 -26.77 -14.45
C LEU K 2 8.39 -25.71 -15.04
N ARG K 3 8.14 -25.22 -16.29
CA ARG K 3 9.07 -24.23 -16.86
C ARG K 3 9.16 -22.99 -16.01
N LEU K 4 10.29 -22.83 -15.31
CA LEU K 4 10.43 -21.67 -14.47
C LEU K 4 11.21 -20.60 -15.12
N ARG K 5 10.49 -19.79 -15.87
CA ARG K 5 11.09 -18.71 -16.60
C ARG K 5 10.41 -17.44 -16.25
N GLY K 6 11.07 -16.60 -15.44
CA GLY K 6 10.53 -15.28 -15.13
C GLY K 6 10.45 -14.43 -16.39
N CYS K 7 9.54 -13.46 -16.41
CA CYS K 7 9.37 -12.60 -17.58
C CYS K 7 9.14 -11.14 -17.15
C ACE L 1 13.05 -1.87 -21.58
O ACE L 1 13.57 -0.95 -22.23
CH3 ACE L 1 12.68 -3.20 -22.29
N ILE L 2 12.80 -1.75 -20.26
CA ILE L 2 12.14 -2.75 -19.39
C ILE L 2 10.71 -2.98 -19.91
N LYS L 3 10.22 -4.23 -19.92
CA LYS L 3 8.88 -4.51 -20.45
C LYS L 3 7.76 -3.87 -19.65
N GLN L 4 6.65 -3.57 -20.33
CA GLN L 4 5.50 -2.94 -19.68
C GLN L 4 4.34 -3.89 -19.62
N GLU L 5 3.58 -3.80 -18.53
CA GLU L 5 2.43 -4.68 -18.34
C GLU L 5 1.28 -4.36 -19.29
#